data_4N0L
#
_entry.id   4N0L
#
_cell.length_a   95.753
_cell.length_b   101.017
_cell.length_c   174.167
_cell.angle_alpha   90.00
_cell.angle_beta   90.00
_cell.angle_gamma   90.00
#
_symmetry.space_group_name_H-M   'C 2 2 21'
#
loop_
_entity.id
_entity.type
_entity.pdbx_description
1 polymer 'Predicted component of a thermophile-specific DNA repair system, contains a RAMP domain'
2 non-polymer 'ZINC ION'
3 water water
#
_entity_poly.entity_id   1
_entity_poly.type   'polypeptide(L)'
_entity_poly.pdbx_seq_one_letter_code
;MVGIGGTITLVGEIRLRTGTRIGTSEEEIEIGGLDNPVIRDPVSGYPYVPGSSLKGRARALFELAWMKSREIEPDVFFGA
HHNERHECGFVRREVYEEAKEYLREDPPWLENGTCPVCRIFGSAGDGIGFSDPGRLEDERRGLGYDPYGRYRDPNDAQEL
SGVVDVKKEARVAFRDAHPTTYTVNDVFERAGEPTEVKHENAINRVSGEANPRSMERVPKGSRFGLEVVYRVEDGEELES
DLKYLMSSLKLVEDQGIGHSTSRGYGRVEFRIAALCARSTGWYLDPGAGEGFPEEEDKDEAADEVTYLSDLEAERYEIVI
RARDLEDRAYLRPEEWVERLDEVVGELPWGR
;
_entity_poly.pdbx_strand_id   A,B
#
loop_
_chem_comp.id
_chem_comp.type
_chem_comp.name
_chem_comp.formula
ZN non-polymer 'ZINC ION' 'Zn 2'
#
# COMPACT_ATOMS: atom_id res chain seq x y z
N GLY A 3 -13.39 -17.77 27.54
CA GLY A 3 -12.42 -16.82 27.04
C GLY A 3 -12.75 -16.32 25.64
N ILE A 4 -12.52 -17.14 24.63
CA ILE A 4 -11.96 -18.48 24.78
C ILE A 4 -10.43 -18.45 24.65
N GLY A 5 -9.94 -17.61 23.75
CA GLY A 5 -8.53 -17.56 23.45
C GLY A 5 -8.26 -17.02 22.07
N GLY A 6 -7.11 -17.39 21.50
CA GLY A 6 -6.69 -16.87 20.22
C GLY A 6 -6.05 -15.50 20.36
N THR A 7 -5.92 -14.77 19.26
CA THR A 7 -5.05 -13.61 19.24
C THR A 7 -5.55 -12.42 18.41
N ILE A 8 -5.08 -11.24 18.80
CA ILE A 8 -5.21 -10.05 17.97
C ILE A 8 -3.80 -9.55 17.67
N THR A 9 -3.47 -9.43 16.39
CA THR A 9 -2.12 -9.03 15.99
C THR A 9 -2.08 -7.64 15.36
N LEU A 10 -1.31 -6.75 15.98
CA LEU A 10 -1.07 -5.43 15.41
C LEU A 10 0.03 -5.54 14.36
N VAL A 11 -0.24 -5.07 13.15
CA VAL A 11 0.74 -5.13 12.07
C VAL A 11 0.99 -3.77 11.45
N GLY A 12 2.25 -3.41 11.34
CA GLY A 12 2.65 -2.14 10.75
C GLY A 12 4.15 -1.98 10.85
N GLU A 13 4.61 -0.78 11.16
CA GLU A 13 6.05 -0.56 11.31
C GLU A 13 6.36 0.60 12.25
N ILE A 14 7.60 0.62 12.72
CA ILE A 14 8.10 1.70 13.55
C ILE A 14 8.94 2.65 12.70
N ARG A 15 8.55 3.92 12.66
CA ARG A 15 9.38 4.92 12.00
C ARG A 15 10.11 5.78 13.03
N LEU A 16 11.42 5.93 12.86
CA LEU A 16 12.18 6.83 13.72
C LEU A 16 12.04 8.28 13.27
N ARG A 17 11.63 9.15 14.18
CA ARG A 17 11.57 10.58 13.90
C ARG A 17 12.94 11.21 14.07
N THR A 18 13.78 10.55 14.86
CA THR A 18 15.17 10.98 15.04
C THR A 18 16.11 9.81 14.79
N GLY A 19 17.33 10.11 14.36
CA GLY A 19 18.33 9.07 14.21
C GLY A 19 18.90 8.69 15.56
N THR A 20 19.53 7.53 15.64
CA THR A 20 20.12 7.08 16.89
C THR A 20 21.49 6.44 16.71
N ARG A 21 22.26 6.39 17.78
CA ARG A 21 23.46 5.57 17.84
C ARG A 21 23.06 4.10 17.89
N ILE A 22 24.03 3.21 17.69
CA ILE A 22 23.78 1.77 17.77
C ILE A 22 24.42 1.19 19.03
N GLY A 23 23.60 0.70 19.95
CA GLY A 23 24.11 0.15 21.19
C GLY A 23 24.38 1.27 22.18
N THR A 24 25.15 0.98 23.21
CA THR A 24 25.54 2.00 24.17
C THR A 24 27.05 1.88 24.41
N SER A 25 27.47 2.00 25.67
CA SER A 25 28.88 1.91 26.01
C SER A 25 29.02 1.33 27.41
N GLU A 26 30.21 0.80 27.72
CA GLU A 26 30.50 0.32 29.06
C GLU A 26 30.38 1.47 30.07
N GLU A 27 30.84 2.64 29.65
CA GLU A 27 30.89 3.81 30.52
C GLU A 27 29.48 4.30 30.87
N GLU A 28 28.68 4.59 29.85
CA GLU A 28 27.29 4.96 30.05
C GLU A 28 26.48 3.89 30.79
N ILE A 29 26.81 2.62 30.55
CA ILE A 29 26.15 1.52 31.25
C ILE A 29 26.55 1.50 32.72
N GLU A 30 27.75 1.99 33.03
CA GLU A 30 28.25 1.96 34.40
C GLU A 30 27.71 3.13 35.21
N ILE A 31 27.72 4.31 34.61
CA ILE A 31 27.28 5.53 35.28
C ILE A 31 25.76 5.61 35.37
N GLY A 32 25.07 4.69 34.70
CA GLY A 32 23.61 4.68 34.70
C GLY A 32 22.99 5.74 33.81
N GLY A 33 23.62 5.99 32.67
CA GLY A 33 23.17 7.04 31.77
C GLY A 33 22.26 6.57 30.64
N LEU A 34 22.81 6.50 29.43
CA LEU A 34 22.02 6.20 28.23
C LEU A 34 21.49 4.78 28.17
N ASP A 35 20.17 4.64 28.20
CA ASP A 35 19.52 3.37 27.88
C ASP A 35 19.06 3.39 26.41
N ASN A 36 19.75 2.64 25.56
CA ASN A 36 19.42 2.61 24.14
C ASN A 36 19.12 1.19 23.65
N PRO A 37 17.85 0.93 23.32
CA PRO A 37 17.38 -0.41 22.91
C PRO A 37 17.81 -0.79 21.50
N VAL A 38 18.19 0.19 20.70
CA VAL A 38 18.66 -0.08 19.34
C VAL A 38 20.04 -0.72 19.38
N ILE A 39 20.12 -1.99 18.99
CA ILE A 39 21.37 -2.73 19.07
C ILE A 39 21.68 -3.47 17.78
N ARG A 40 22.91 -3.95 17.68
CA ARG A 40 23.36 -4.69 16.50
C ARG A 40 22.91 -6.14 16.55
N ASP A 41 22.37 -6.63 15.43
CA ASP A 41 21.97 -8.02 15.33
C ASP A 41 23.16 -8.86 14.87
N PRO A 42 23.60 -9.80 15.71
CA PRO A 42 24.73 -10.69 15.38
C PRO A 42 24.51 -11.46 14.09
N VAL A 43 23.28 -11.87 13.83
CA VAL A 43 22.95 -12.68 12.67
C VAL A 43 22.97 -11.87 11.37
N SER A 44 22.10 -10.88 11.28
CA SER A 44 21.95 -10.09 10.06
C SER A 44 23.05 -9.03 9.92
N GLY A 45 23.54 -8.52 11.05
CA GLY A 45 24.56 -7.49 11.02
C GLY A 45 23.98 -6.09 11.00
N TYR A 46 22.65 -6.00 11.01
CA TYR A 46 21.96 -4.72 10.99
C TYR A 46 21.38 -4.38 12.35
N PRO A 47 21.20 -3.08 12.64
CA PRO A 47 20.57 -2.68 13.90
C PRO A 47 19.10 -3.10 13.94
N TYR A 48 18.59 -3.34 15.13
CA TYR A 48 17.19 -3.72 15.28
C TYR A 48 16.73 -3.43 16.70
N VAL A 49 15.43 -3.53 16.94
CA VAL A 49 14.89 -3.34 18.27
C VAL A 49 14.24 -4.64 18.75
N PRO A 50 14.85 -5.28 19.75
CA PRO A 50 14.32 -6.52 20.33
C PRO A 50 12.91 -6.33 20.87
N GLY A 51 12.07 -7.35 20.70
CA GLY A 51 10.71 -7.30 21.18
C GLY A 51 10.63 -7.07 22.69
N SER A 52 11.52 -7.72 23.41
CA SER A 52 11.54 -7.62 24.87
C SER A 52 11.87 -6.19 25.31
N SER A 53 12.75 -5.52 24.58
CA SER A 53 13.09 -4.13 24.90
C SER A 53 11.90 -3.19 24.68
N LEU A 54 11.17 -3.40 23.59
CA LEU A 54 9.97 -2.61 23.32
C LEU A 54 8.94 -2.85 24.41
N LYS A 55 8.72 -4.12 24.74
CA LYS A 55 7.77 -4.49 25.78
C LYS A 55 8.16 -3.89 27.14
N GLY A 56 9.43 -4.07 27.51
CA GLY A 56 9.94 -3.50 28.75
C GLY A 56 9.74 -2.00 28.83
N ARG A 57 10.03 -1.31 27.74
CA ARG A 57 9.91 0.14 27.69
C ARG A 57 8.44 0.55 27.78
N ALA A 58 7.58 -0.11 27.01
CA ALA A 58 6.15 0.15 27.06
C ALA A 58 5.58 -0.08 28.46
N ARG A 59 6.06 -1.14 29.12
CA ARG A 59 5.61 -1.45 30.48
C ARG A 59 6.06 -0.40 31.49
N ALA A 60 7.33 -0.02 31.41
CA ALA A 60 7.92 0.95 32.32
C ALA A 60 7.21 2.30 32.25
N LEU A 61 6.81 2.70 31.05
CA LEU A 61 6.13 3.98 30.87
C LEU A 61 4.65 3.91 31.23
N PHE A 62 3.99 2.82 30.86
CA PHE A 62 2.58 2.65 31.19
C PHE A 62 2.33 2.60 32.69
N GLU A 63 3.18 1.87 33.42
CA GLU A 63 2.97 1.70 34.85
C GLU A 63 3.08 3.05 35.57
N LEU A 64 4.01 3.88 35.11
CA LEU A 64 4.15 5.23 35.64
C LEU A 64 2.93 6.10 35.33
N ALA A 65 2.48 6.03 34.09
CA ALA A 65 1.31 6.79 33.66
C ALA A 65 0.06 6.33 34.40
N TRP A 66 -0.06 5.02 34.59
CA TRP A 66 -1.18 4.44 35.32
C TRP A 66 -1.18 4.94 36.75
N MET A 67 0.00 4.91 37.38
CA MET A 67 0.17 5.37 38.75
C MET A 67 -0.26 6.83 38.91
N LYS A 68 0.28 7.70 38.07
CA LYS A 68 0.00 9.13 38.15
C LYS A 68 -1.44 9.50 37.78
N SER A 69 -2.00 8.79 36.80
CA SER A 69 -3.36 9.06 36.36
C SER A 69 -4.39 8.81 37.46
N ARG A 70 -4.04 7.92 38.40
CA ARG A 70 -4.90 7.63 39.53
C ARG A 70 -4.39 8.29 40.80
N GLU A 71 -3.38 9.14 40.65
CA GLU A 71 -2.76 9.85 41.76
C GLU A 71 -2.41 8.93 42.92
N ILE A 72 -1.68 7.87 42.62
CA ILE A 72 -1.24 6.91 43.62
C ILE A 72 0.18 7.21 44.04
N GLU A 73 0.41 7.37 45.33
CA GLU A 73 1.76 7.56 45.87
CA GLU A 73 1.76 7.58 45.85
C GLU A 73 2.64 6.37 45.52
N PRO A 74 3.85 6.63 45.03
CA PRO A 74 4.78 5.57 44.58
C PRO A 74 5.10 4.50 45.63
N ASP A 75 5.10 4.86 46.90
CA ASP A 75 5.29 3.87 47.96
C ASP A 75 4.24 2.76 47.90
N VAL A 76 2.99 3.17 47.70
CA VAL A 76 1.88 2.23 47.58
C VAL A 76 1.95 1.44 46.27
N PHE A 77 2.24 2.14 45.19
CA PHE A 77 2.22 1.53 43.86
C PHE A 77 3.38 0.55 43.62
N PHE A 78 4.57 0.92 44.08
CA PHE A 78 5.75 0.08 43.84
C PHE A 78 6.15 -0.76 45.04
N GLY A 79 5.62 -0.42 46.21
CA GLY A 79 5.92 -1.14 47.43
C GLY A 79 7.40 -1.32 47.70
N ALA A 80 7.83 -2.57 47.84
CA ALA A 80 9.22 -2.88 48.16
C ALA A 80 10.15 -2.62 46.98
N HIS A 81 9.58 -2.39 45.80
CA HIS A 81 10.38 -2.09 44.62
C HIS A 81 10.67 -0.60 44.49
N HIS A 82 10.12 0.19 45.42
CA HIS A 82 10.44 1.61 45.58
C HIS A 82 9.92 2.53 44.46
N ASN A 83 10.50 2.43 43.27
CA ASN A 83 10.23 3.42 42.23
C ASN A 83 10.09 2.86 40.81
N GLU A 84 10.10 1.54 40.67
CA GLU A 84 9.96 0.93 39.35
C GLU A 84 9.54 -0.54 39.46
N ARG A 85 9.22 -1.13 38.32
CA ARG A 85 8.79 -2.52 38.24
C ARG A 85 7.69 -2.87 39.24
N HIS A 86 6.51 -2.26 39.05
CA HIS A 86 5.34 -2.67 39.81
C HIS A 86 4.95 -4.09 39.41
N GLU A 87 4.82 -4.96 40.39
CA GLU A 87 4.34 -6.31 40.14
C GLU A 87 3.35 -6.75 41.22
N CYS A 88 2.14 -7.12 40.81
CA CYS A 88 1.15 -7.64 41.74
C CYS A 88 0.52 -8.89 41.16
N GLY A 89 -0.26 -9.58 41.97
CA GLY A 89 -0.89 -10.82 41.53
C GLY A 89 -2.35 -10.65 41.19
N PHE A 90 -2.85 -9.42 41.26
CA PHE A 90 -4.24 -9.15 40.91
C PHE A 90 -4.40 -9.17 39.39
N VAL A 91 -4.19 -10.33 38.78
CA VAL A 91 -4.10 -10.43 37.33
C VAL A 91 -5.34 -11.06 36.69
N ARG A 92 -6.17 -11.68 37.52
CA ARG A 92 -7.46 -12.21 37.08
C ARG A 92 -8.51 -11.96 38.14
N ARG A 93 -9.76 -11.84 37.73
CA ARG A 93 -10.83 -11.46 38.63
C ARG A 93 -11.05 -12.46 39.76
N GLU A 94 -10.73 -13.72 39.52
CA GLU A 94 -10.78 -14.75 40.57
C GLU A 94 -10.00 -14.31 41.80
N VAL A 95 -8.75 -13.93 41.59
CA VAL A 95 -7.86 -13.46 42.66
C VAL A 95 -8.52 -12.39 43.52
N TYR A 96 -9.11 -11.38 42.90
CA TYR A 96 -9.73 -10.30 43.65
C TYR A 96 -10.96 -10.76 44.44
N GLU A 97 -11.79 -11.59 43.83
CA GLU A 97 -12.99 -12.10 44.50
C GLU A 97 -12.56 -12.90 45.71
N GLU A 98 -11.52 -13.71 45.51
CA GLU A 98 -10.95 -14.58 46.54
C GLU A 98 -10.29 -13.78 47.66
N ALA A 99 -9.80 -12.59 47.33
CA ALA A 99 -9.07 -11.76 48.29
C ALA A 99 -9.94 -10.69 48.96
N LYS A 100 -11.12 -10.46 48.40
CA LYS A 100 -12.00 -9.37 48.86
C LYS A 100 -12.31 -9.40 50.36
N GLU A 101 -12.50 -10.60 50.91
CA GLU A 101 -12.80 -10.75 52.33
C GLU A 101 -11.72 -10.15 53.24
N TYR A 102 -10.48 -10.12 52.77
CA TYR A 102 -9.37 -9.64 53.59
C TYR A 102 -8.99 -8.21 53.27
N LEU A 103 -9.79 -7.54 52.45
CA LEU A 103 -9.49 -6.17 52.05
C LEU A 103 -10.33 -5.15 52.80
N ARG A 104 -9.67 -4.18 53.42
CA ARG A 104 -10.34 -3.07 54.07
C ARG A 104 -10.79 -2.05 53.02
N GLU A 105 -10.02 -1.98 51.94
CA GLU A 105 -10.23 -1.00 50.89
C GLU A 105 -9.55 -1.49 49.62
N ASP A 106 -10.10 -1.12 48.47
CA ASP A 106 -9.55 -1.57 47.20
C ASP A 106 -8.20 -0.91 46.92
N PRO A 107 -7.19 -1.73 46.57
CA PRO A 107 -5.93 -1.19 46.04
C PRO A 107 -6.21 -0.25 44.88
N PRO A 108 -5.66 0.97 44.93
CA PRO A 108 -6.08 2.04 44.02
C PRO A 108 -5.66 1.82 42.56
N TRP A 109 -4.78 0.86 42.30
CA TRP A 109 -4.29 0.61 40.96
C TRP A 109 -5.12 -0.48 40.27
N LEU A 110 -6.24 -0.83 40.89
CA LEU A 110 -7.10 -1.88 40.36
C LEU A 110 -8.25 -1.28 39.54
N GLU A 111 -8.65 -1.96 38.48
CA GLU A 111 -9.83 -1.57 37.71
C GLU A 111 -10.69 -2.80 37.43
N ASN A 112 -11.94 -2.76 37.88
CA ASN A 112 -12.83 -3.93 37.86
C ASN A 112 -12.15 -5.18 38.42
N GLY A 113 -11.39 -4.99 39.50
CA GLY A 113 -10.81 -6.11 40.23
C GLY A 113 -9.46 -6.61 39.76
N THR A 114 -8.95 -6.07 38.65
CA THR A 114 -7.68 -6.54 38.12
C THR A 114 -6.72 -5.40 37.78
N CYS A 115 -5.43 -5.74 37.68
CA CYS A 115 -4.40 -4.75 37.39
C CYS A 115 -4.04 -4.76 35.90
N PRO A 116 -4.29 -3.65 35.22
CA PRO A 116 -3.99 -3.49 33.79
C PRO A 116 -2.51 -3.70 33.49
N VAL A 117 -1.64 -3.12 34.31
CA VAL A 117 -0.20 -3.26 34.14
C VAL A 117 0.24 -4.72 34.09
N CYS A 118 -0.08 -5.45 35.16
CA CYS A 118 0.40 -6.81 35.32
C CYS A 118 -0.34 -7.83 34.43
N ARG A 119 -1.63 -7.64 34.22
CA ARG A 119 -2.40 -8.59 33.40
C ARG A 119 -2.00 -8.51 31.92
N ILE A 120 -1.56 -7.34 31.49
CA ILE A 120 -1.14 -7.13 30.10
C ILE A 120 0.34 -7.43 29.89
N PHE A 121 1.18 -6.84 30.72
CA PHE A 121 2.63 -6.92 30.53
C PHE A 121 3.28 -7.97 31.42
N GLY A 122 2.47 -8.76 32.11
CA GLY A 122 2.99 -9.86 32.91
C GLY A 122 3.46 -9.42 34.28
N SER A 123 3.67 -10.39 35.16
CA SER A 123 4.15 -10.12 36.51
C SER A 123 4.73 -11.39 37.12
N ALA A 124 5.77 -11.24 37.95
CA ALA A 124 6.39 -12.38 38.62
C ALA A 124 5.54 -12.84 39.80
N GLY A 125 4.62 -11.98 40.24
CA GLY A 125 3.78 -12.26 41.38
C GLY A 125 3.60 -11.04 42.26
N ASP A 126 3.69 -11.23 43.57
CA ASP A 126 3.55 -10.12 44.51
C ASP A 126 4.90 -9.44 44.73
N GLY A 127 5.45 -8.87 43.65
CA GLY A 127 6.75 -8.22 43.70
C GLY A 127 6.79 -7.02 44.62
N ILE A 128 5.69 -6.29 44.68
CA ILE A 128 5.61 -5.11 45.53
C ILE A 128 5.53 -5.50 47.01
N GLY A 129 5.24 -6.77 47.27
CA GLY A 129 5.21 -7.29 48.62
C GLY A 129 3.96 -6.88 49.39
N PHE A 130 2.84 -6.80 48.67
CA PHE A 130 1.56 -6.41 49.24
C PHE A 130 1.15 -7.33 50.40
N SER A 131 1.51 -8.60 50.30
CA SER A 131 1.16 -9.59 51.32
C SER A 131 2.37 -9.95 52.17
N ASP A 132 3.34 -9.04 52.25
CA ASP A 132 4.56 -9.29 53.02
C ASP A 132 4.96 -8.05 53.83
N PRO A 133 4.28 -7.80 54.96
CA PRO A 133 4.52 -6.64 55.83
C PRO A 133 5.89 -6.67 56.49
N GLY A 134 6.37 -7.86 56.83
CA GLY A 134 7.71 -8.02 57.37
C GLY A 134 8.76 -7.42 56.45
N ARG A 135 8.66 -7.76 55.17
CA ARG A 135 9.56 -7.22 54.15
C ARG A 135 9.41 -5.70 54.05
N LEU A 136 8.16 -5.25 53.97
CA LEU A 136 7.84 -3.82 53.84
C LEU A 136 8.42 -2.97 54.95
N GLU A 137 8.27 -3.43 56.18
CA GLU A 137 8.65 -2.64 57.35
C GLU A 137 10.15 -2.66 57.62
N ASP A 138 10.84 -3.67 57.08
CA ASP A 138 12.30 -3.72 57.17
C ASP A 138 12.91 -2.57 56.38
N GLU A 139 13.84 -1.86 56.99
CA GLU A 139 14.46 -0.70 56.36
C GLU A 139 15.33 -1.09 55.16
N ARG A 140 16.11 -2.16 55.30
CA ARG A 140 17.03 -2.57 54.24
C ARG A 140 16.30 -3.27 53.10
N ARG A 141 15.31 -4.10 53.42
CA ARG A 141 14.62 -4.91 52.42
C ARG A 141 13.35 -4.27 51.87
N GLY A 142 12.87 -3.21 52.52
CA GLY A 142 11.60 -2.61 52.12
C GLY A 142 11.57 -1.09 52.28
N LEU A 143 10.43 -0.58 52.75
CA LEU A 143 10.22 0.86 52.87
C LEU A 143 10.50 1.38 54.27
N GLY A 144 10.56 0.48 55.24
CA GLY A 144 10.74 0.85 56.62
C GLY A 144 9.41 1.06 57.32
N TYR A 145 8.33 0.72 56.62
CA TYR A 145 6.98 0.84 57.16
C TYR A 145 6.02 0.12 56.22
N ASP A 146 4.77 -0.06 56.66
CA ASP A 146 3.76 -0.74 55.87
C ASP A 146 2.76 0.25 55.30
N PRO A 147 2.81 0.47 53.98
CA PRO A 147 1.94 1.44 53.30
C PRO A 147 0.57 0.86 52.95
N TYR A 148 0.37 -0.43 53.20
CA TYR A 148 -0.84 -1.11 52.78
C TYR A 148 -1.83 -1.34 53.91
N GLY A 149 -1.64 -0.64 55.03
CA GLY A 149 -2.48 -0.80 56.20
C GLY A 149 -3.94 -0.53 55.92
N ARG A 150 -4.21 0.53 55.16
CA ARG A 150 -5.57 0.94 54.85
C ARG A 150 -6.25 0.00 53.85
N TYR A 151 -5.47 -0.83 53.18
CA TYR A 151 -6.03 -1.75 52.19
C TYR A 151 -6.21 -3.15 52.74
N ARG A 152 -5.42 -3.50 53.75
CA ARG A 152 -5.47 -4.83 54.34
C ARG A 152 -4.79 -4.86 55.70
N ASP A 153 -5.29 -5.72 56.58
CA ASP A 153 -4.67 -5.94 57.87
C ASP A 153 -3.42 -6.79 57.69
N PRO A 154 -2.28 -6.33 58.23
CA PRO A 154 -1.02 -7.07 58.16
C PRO A 154 -1.15 -8.49 58.73
N ASN A 155 -2.11 -8.71 59.60
CA ASN A 155 -2.37 -10.04 60.15
C ASN A 155 -3.05 -10.95 59.14
N ASP A 156 -3.71 -10.35 58.14
CA ASP A 156 -4.34 -11.12 57.07
C ASP A 156 -3.42 -11.30 55.88
N ALA A 157 -2.15 -10.95 56.04
CA ALA A 157 -1.20 -10.99 54.94
C ALA A 157 -0.86 -12.41 54.52
N GLN A 158 -0.76 -13.31 55.49
CA GLN A 158 -0.41 -14.69 55.21
C GLN A 158 -1.53 -15.38 54.44
N GLU A 159 -2.77 -15.01 54.76
CA GLU A 159 -3.93 -15.48 54.01
C GLU A 159 -3.89 -14.93 52.59
N LEU A 160 -3.64 -13.63 52.47
CA LEU A 160 -3.50 -12.98 51.18
C LEU A 160 -2.34 -13.57 50.37
N SER A 161 -1.32 -14.03 51.08
CA SER A 161 -0.09 -14.51 50.44
C SER A 161 -0.33 -15.79 49.64
N GLY A 162 -1.44 -16.48 49.92
CA GLY A 162 -1.80 -17.67 49.18
C GLY A 162 -2.75 -17.34 48.05
N VAL A 163 -3.17 -16.08 48.00
CA VAL A 163 -4.12 -15.64 46.99
C VAL A 163 -3.49 -14.72 45.93
N VAL A 164 -2.74 -13.72 46.38
CA VAL A 164 -2.32 -12.64 45.50
C VAL A 164 -0.86 -12.72 45.04
N ASP A 165 -0.23 -13.88 45.19
CA ASP A 165 1.16 -14.05 44.79
C ASP A 165 1.29 -15.12 43.71
N VAL A 166 0.65 -14.90 42.57
CA VAL A 166 0.71 -15.84 41.46
C VAL A 166 1.26 -15.17 40.20
N LYS A 167 2.34 -15.74 39.67
CA LYS A 167 2.91 -15.33 38.39
C LYS A 167 1.85 -15.22 37.29
N LYS A 168 2.03 -14.28 36.37
CA LYS A 168 1.21 -14.22 35.17
C LYS A 168 2.02 -13.97 33.91
N GLU A 169 1.78 -14.79 32.90
CA GLU A 169 2.37 -14.57 31.58
C GLU A 169 1.72 -13.37 30.91
N ALA A 170 2.54 -12.50 30.35
CA ALA A 170 2.06 -11.32 29.64
C ALA A 170 1.08 -11.67 28.52
N ARG A 171 0.03 -10.87 28.38
CA ARG A 171 -0.93 -11.02 27.29
C ARG A 171 -0.37 -10.49 25.97
N VAL A 172 0.67 -9.67 26.04
CA VAL A 172 1.25 -9.10 24.83
C VAL A 172 2.67 -9.61 24.58
N ALA A 173 2.98 -9.83 23.30
CA ALA A 173 4.32 -10.19 22.89
C ALA A 173 4.73 -9.35 21.68
N PHE A 174 5.93 -8.77 21.76
CA PHE A 174 6.46 -7.96 20.68
C PHE A 174 7.45 -8.76 19.85
N ARG A 175 7.26 -8.75 18.53
CA ARG A 175 8.21 -9.40 17.63
C ARG A 175 9.44 -8.51 17.52
N ASP A 176 10.61 -9.13 17.37
CA ASP A 176 11.83 -8.38 17.11
C ASP A 176 11.62 -7.50 15.89
N ALA A 177 11.92 -6.21 16.04
CA ALA A 177 11.71 -5.26 14.96
C ALA A 177 12.98 -5.05 14.14
N HIS A 178 12.99 -5.62 12.94
CA HIS A 178 14.14 -5.51 12.05
C HIS A 178 13.86 -4.48 10.97
N PRO A 179 14.92 -3.90 10.39
CA PRO A 179 14.70 -2.90 9.35
C PRO A 179 14.01 -3.50 8.12
N THR A 180 13.07 -2.75 7.55
CA THR A 180 12.35 -3.20 6.37
C THR A 180 13.27 -3.16 5.15
N THR A 181 12.89 -3.86 4.10
CA THR A 181 13.66 -3.87 2.85
C THR A 181 13.86 -2.45 2.33
N TYR A 182 12.82 -1.63 2.41
CA TYR A 182 12.91 -0.22 2.04
C TYR A 182 13.99 0.49 2.86
N THR A 183 14.05 0.18 4.14
CA THR A 183 14.99 0.82 5.03
C THR A 183 16.44 0.44 4.67
N VAL A 184 16.63 -0.82 4.27
CA VAL A 184 17.95 -1.31 3.89
C VAL A 184 18.36 -0.82 2.50
N ASN A 185 17.45 -0.95 1.54
CA ASN A 185 17.73 -0.62 0.15
C ASN A 185 17.72 0.88 -0.15
N ASP A 186 16.98 1.65 0.63
CA ASP A 186 16.79 3.07 0.35
C ASP A 186 17.38 3.97 1.45
N VAL A 187 16.82 3.90 2.65
CA VAL A 187 17.22 4.80 3.73
C VAL A 187 18.69 4.59 4.14
N PHE A 188 19.06 3.34 4.38
CA PHE A 188 20.43 3.02 4.75
C PHE A 188 21.39 3.33 3.61
N GLU A 189 20.95 3.04 2.39
CA GLU A 189 21.79 3.23 1.22
C GLU A 189 22.02 4.72 0.93
N ARG A 190 20.97 5.52 1.07
CA ARG A 190 21.07 6.97 0.87
C ARG A 190 22.09 7.61 1.81
N ALA A 191 22.19 7.07 3.01
CA ALA A 191 23.05 7.64 4.05
C ALA A 191 24.43 7.00 4.08
N GLY A 192 24.55 5.83 3.47
CA GLY A 192 25.80 5.09 3.48
C GLY A 192 26.07 4.46 4.82
N GLU A 193 25.01 4.29 5.62
CA GLU A 193 25.12 3.72 6.95
C GLU A 193 23.74 3.34 7.51
N PRO A 194 23.69 2.25 8.30
CA PRO A 194 24.81 1.37 8.59
C PRO A 194 25.04 0.34 7.49
N THR A 195 26.17 -0.35 7.54
CA THR A 195 26.48 -1.38 6.55
C THR A 195 26.32 -2.75 7.19
N GLU A 196 26.42 -3.80 6.38
CA GLU A 196 26.29 -5.15 6.88
C GLU A 196 27.49 -5.52 7.74
N VAL A 197 27.25 -5.64 9.05
CA VAL A 197 28.32 -5.89 10.01
C VAL A 197 27.95 -7.09 10.89
N LYS A 198 28.00 -8.29 10.31
CA LYS A 198 27.63 -9.48 11.04
C LYS A 198 28.70 -9.90 12.03
N HIS A 199 28.27 -10.54 13.12
CA HIS A 199 29.12 -11.07 14.20
C HIS A 199 30.53 -10.48 14.30
N SER A 214 30.95 4.59 17.50
CA SER A 214 30.37 3.32 17.08
C SER A 214 30.99 2.72 15.79
N MET A 215 31.12 3.47 14.69
CA MET A 215 30.70 4.87 14.54
C MET A 215 29.53 5.01 13.56
N GLU A 216 28.78 3.93 13.37
CA GLU A 216 27.63 3.96 12.48
C GLU A 216 26.35 4.23 13.26
N ARG A 217 25.40 4.88 12.59
CA ARG A 217 24.16 5.33 13.22
C ARG A 217 22.96 4.85 12.41
N VAL A 218 21.79 4.88 13.03
CA VAL A 218 20.56 4.59 12.32
C VAL A 218 19.91 5.90 11.88
N PRO A 219 19.82 6.14 10.56
CA PRO A 219 19.32 7.42 10.05
C PRO A 219 17.86 7.67 10.42
N LYS A 220 17.51 8.95 10.55
CA LYS A 220 16.13 9.36 10.76
C LYS A 220 15.29 8.92 9.56
N GLY A 221 14.08 8.44 9.81
CA GLY A 221 13.23 7.96 8.74
C GLY A 221 13.32 6.45 8.55
N SER A 222 14.25 5.82 9.25
CA SER A 222 14.40 4.37 9.21
C SER A 222 13.14 3.68 9.71
N ARG A 223 12.88 2.48 9.19
CA ARG A 223 11.63 1.81 9.49
C ARG A 223 11.86 0.35 9.87
N PHE A 224 11.24 -0.06 10.96
CA PHE A 224 11.39 -1.41 11.48
C PHE A 224 10.03 -2.08 11.55
N GLY A 225 9.98 -3.35 11.12
CA GLY A 225 8.73 -4.10 11.10
C GLY A 225 8.08 -4.18 12.47
N LEU A 226 6.78 -3.94 12.51
CA LEU A 226 6.00 -4.02 13.72
C LEU A 226 4.95 -5.11 13.62
N GLU A 227 5.14 -6.17 14.36
CA GLU A 227 4.20 -7.14 14.89
CA GLU A 227 4.15 -7.08 15.00
C GLU A 227 4.08 -7.32 16.57
N VAL A 228 2.83 -7.01 16.87
CA VAL A 228 2.52 -7.13 18.29
C VAL A 228 1.34 -8.08 18.46
N VAL A 229 1.54 -9.15 19.23
CA VAL A 229 0.51 -10.16 19.41
C VAL A 229 -0.12 -10.07 20.80
N TYR A 230 -1.43 -9.84 20.84
CA TYR A 230 -2.17 -9.82 22.08
C TYR A 230 -3.01 -11.07 22.25
N ARG A 231 -2.83 -11.78 23.37
CA ARG A 231 -3.61 -12.98 23.63
C ARG A 231 -4.91 -12.66 24.35
N VAL A 232 -6.03 -12.94 23.69
CA VAL A 232 -7.33 -12.71 24.29
C VAL A 232 -7.59 -13.78 25.36
N GLU A 233 -7.75 -13.34 26.60
CA GLU A 233 -7.96 -14.27 27.71
C GLU A 233 -9.29 -13.99 28.39
N ASP A 234 -9.63 -12.71 28.50
CA ASP A 234 -10.85 -12.29 29.19
C ASP A 234 -11.61 -11.29 28.33
N GLY A 235 -12.73 -11.74 27.77
CA GLY A 235 -13.55 -10.91 26.90
C GLY A 235 -13.95 -9.57 27.49
N GLU A 236 -14.20 -9.54 28.79
CA GLU A 236 -14.62 -8.33 29.48
C GLU A 236 -13.48 -7.30 29.56
N GLU A 237 -12.25 -7.78 29.50
CA GLU A 237 -11.09 -6.89 29.59
C GLU A 237 -10.45 -6.64 28.23
N LEU A 238 -11.07 -7.17 27.18
CA LEU A 238 -10.51 -7.10 25.83
C LEU A 238 -10.29 -5.66 25.34
N GLU A 239 -11.36 -4.87 25.35
CA GLU A 239 -11.28 -3.50 24.86
C GLU A 239 -10.39 -2.65 25.74
N SER A 240 -10.50 -2.85 27.06
CA SER A 240 -9.69 -2.10 28.02
C SER A 240 -8.21 -2.36 27.80
N ASP A 241 -7.86 -3.62 27.55
CA ASP A 241 -6.47 -4.00 27.30
C ASP A 241 -5.93 -3.31 26.06
N LEU A 242 -6.73 -3.31 24.99
CA LEU A 242 -6.34 -2.67 23.74
C LEU A 242 -6.10 -1.18 23.94
N LYS A 243 -6.96 -0.54 24.71
CA LYS A 243 -6.81 0.87 25.05
C LYS A 243 -5.48 1.14 25.74
N TYR A 244 -5.16 0.30 26.72
CA TYR A 244 -3.95 0.49 27.52
C TYR A 244 -2.70 0.09 26.74
N LEU A 245 -2.81 -0.94 25.91
CA LEU A 245 -1.71 -1.34 25.05
C LEU A 245 -1.35 -0.23 24.07
N MET A 246 -2.37 0.29 23.39
CA MET A 246 -2.19 1.43 22.49
C MET A 246 -1.64 2.63 23.24
N SER A 247 -2.19 2.89 24.42
CA SER A 247 -1.74 4.01 25.25
C SER A 247 -0.26 3.90 25.59
N SER A 248 0.20 2.68 25.85
CA SER A 248 1.59 2.48 26.21
C SER A 248 2.48 2.79 25.00
N LEU A 249 2.00 2.47 23.80
CA LEU A 249 2.72 2.78 22.58
C LEU A 249 2.76 4.30 22.33
N LYS A 250 1.65 4.96 22.64
CA LYS A 250 1.57 6.42 22.58
C LYS A 250 2.60 7.05 23.51
N LEU A 251 2.76 6.47 24.70
CA LEU A 251 3.74 6.94 25.67
C LEU A 251 5.17 6.77 25.16
N VAL A 252 5.42 5.65 24.49
CA VAL A 252 6.73 5.39 23.89
C VAL A 252 7.02 6.42 22.79
N GLU A 253 5.99 6.77 22.03
CA GLU A 253 6.12 7.83 21.02
C GLU A 253 6.51 9.16 21.67
N ASP A 254 5.83 9.52 22.75
CA ASP A 254 6.05 10.80 23.42
C ASP A 254 7.37 10.88 24.18
N GLN A 255 7.86 9.75 24.67
CA GLN A 255 9.01 9.76 25.57
C GLN A 255 10.23 9.00 25.04
N GLY A 256 10.07 8.30 23.91
CA GLY A 256 11.19 7.62 23.28
C GLY A 256 11.26 6.13 23.63
N ILE A 257 11.78 5.33 22.70
CA ILE A 257 12.00 3.90 22.96
C ILE A 257 13.12 3.68 23.97
N GLY A 258 13.93 4.72 24.15
CA GLY A 258 15.01 4.68 25.13
C GLY A 258 15.06 6.02 25.83
N HIS A 259 16.12 6.25 26.61
CA HIS A 259 16.26 7.52 27.32
C HIS A 259 17.69 7.74 27.75
N SER A 260 18.07 9.01 27.85
CA SER A 260 19.30 9.40 28.52
C SER A 260 18.98 9.73 29.97
N THR A 261 19.92 10.32 30.68
CA THR A 261 19.66 10.79 32.03
C THR A 261 18.55 11.85 32.06
N SER A 262 18.60 12.77 31.11
CA SER A 262 17.77 13.97 31.15
C SER A 262 16.46 13.84 30.37
N ARG A 263 16.55 13.44 29.11
CA ARG A 263 15.36 13.37 28.26
C ARG A 263 15.25 12.03 27.56
N GLY A 264 14.15 11.83 26.85
CA GLY A 264 13.94 10.62 26.07
C GLY A 264 14.95 10.48 24.96
N TYR A 265 15.07 9.26 24.44
CA TYR A 265 16.02 8.98 23.38
C TYR A 265 15.41 8.02 22.36
N GLY A 266 15.50 8.37 21.08
CA GLY A 266 14.94 7.55 20.02
C GLY A 266 13.45 7.83 19.83
N ARG A 267 13.14 8.91 19.13
CA ARG A 267 11.76 9.30 18.89
C ARG A 267 11.17 8.40 17.80
N VAL A 268 9.97 7.86 18.03
CA VAL A 268 9.40 6.90 17.10
C VAL A 268 7.92 7.10 16.83
N GLU A 269 7.47 6.56 15.70
CA GLU A 269 6.06 6.51 15.36
C GLU A 269 5.67 5.05 15.19
N PHE A 270 4.56 4.65 15.80
CA PHE A 270 4.01 3.33 15.53
C PHE A 270 2.92 3.42 14.47
N ARG A 271 3.28 3.07 13.24
CA ARG A 271 2.33 3.15 12.13
C ARG A 271 1.64 1.80 12.00
N ILE A 272 0.43 1.72 12.53
CA ILE A 272 -0.29 0.45 12.63
C ILE A 272 -1.35 0.36 11.54
N ALA A 273 -1.13 -0.54 10.60
CA ALA A 273 -1.97 -0.64 9.41
C ALA A 273 -3.23 -1.47 9.65
N ALA A 274 -3.15 -2.45 10.55
CA ALA A 274 -4.28 -3.35 10.76
C ALA A 274 -4.24 -4.08 12.10
N LEU A 275 -5.42 -4.39 12.61
CA LEU A 275 -5.58 -5.32 13.72
C LEU A 275 -6.10 -6.65 13.19
N CYS A 276 -5.33 -7.71 13.36
CA CYS A 276 -5.67 -8.99 12.77
C CYS A 276 -6.04 -10.03 13.83
N ALA A 277 -7.29 -10.47 13.79
CA ALA A 277 -7.84 -11.30 14.86
C ALA A 277 -8.06 -12.76 14.44
N ARG A 278 -7.71 -13.67 15.34
CA ARG A 278 -8.03 -15.09 15.17
C ARG A 278 -8.57 -15.67 16.47
N SER A 279 -9.82 -16.11 16.44
CA SER A 279 -10.45 -16.72 17.60
C SER A 279 -10.18 -18.22 17.62
N THR A 280 -10.31 -18.82 18.81
CA THR A 280 -10.07 -20.26 18.97
C THR A 280 -10.97 -21.09 18.07
N GLY A 281 -12.25 -20.72 18.01
CA GLY A 281 -13.21 -21.37 17.14
C GLY A 281 -12.82 -21.39 15.67
N TRP A 282 -12.25 -20.28 15.20
CA TRP A 282 -11.87 -20.12 13.80
C TRP A 282 -10.89 -21.21 13.34
N TYR A 283 -10.04 -21.67 14.25
CA TYR A 283 -9.08 -22.72 13.93
C TYR A 283 -9.74 -24.02 13.45
N LEU A 284 -11.04 -24.15 13.72
CA LEU A 284 -11.80 -25.32 13.29
C LEU A 284 -12.20 -25.17 11.83
N ASP A 285 -12.40 -23.93 11.40
CA ASP A 285 -12.71 -23.64 10.01
C ASP A 285 -11.89 -22.45 9.51
N PRO A 286 -10.60 -22.70 9.22
CA PRO A 286 -9.61 -21.70 8.81
C PRO A 286 -9.99 -21.02 7.50
N GLY A 287 -10.72 -21.74 6.66
CA GLY A 287 -11.01 -21.28 5.31
C GLY A 287 -11.82 -20.00 5.27
N ALA A 288 -12.55 -19.71 6.33
CA ALA A 288 -13.27 -18.44 6.41
C ALA A 288 -12.26 -17.32 6.69
N GLY A 289 -11.33 -17.14 5.76
CA GLY A 289 -10.15 -16.34 6.00
C GLY A 289 -10.08 -14.98 5.35
N GLU A 290 -9.65 -14.00 6.13
CA GLU A 290 -9.29 -12.70 5.60
C GLU A 290 -7.76 -12.63 5.63
N GLY A 291 -7.16 -12.35 4.48
CA GLY A 291 -5.71 -12.29 4.42
C GLY A 291 -5.14 -10.90 4.62
N PHE A 292 -3.93 -10.84 5.18
CA PHE A 292 -3.22 -9.58 5.36
C PHE A 292 -1.73 -9.83 5.57
N PRO A 293 -0.89 -9.03 4.91
CA PRO A 293 -1.32 -8.03 3.92
C PRO A 293 -1.48 -8.62 2.52
N GLU A 294 -2.58 -8.29 1.86
CA GLU A 294 -2.77 -8.68 0.46
C GLU A 294 -2.14 -7.64 -0.46
N GLU A 295 -2.10 -7.94 -1.75
CA GLU A 295 -1.50 -7.03 -2.73
C GLU A 295 -2.13 -5.64 -2.66
N GLU A 296 -3.45 -5.61 -2.49
CA GLU A 296 -4.17 -4.35 -2.36
C GLU A 296 -3.66 -3.53 -1.18
N ASP A 297 -3.41 -4.20 -0.05
CA ASP A 297 -2.90 -3.54 1.14
C ASP A 297 -1.54 -2.90 0.90
N LYS A 298 -0.71 -3.58 0.11
CA LYS A 298 0.65 -3.10 -0.19
C LYS A 298 0.62 -1.86 -1.07
N ASP A 299 -0.24 -1.87 -2.09
CA ASP A 299 -0.42 -0.71 -2.96
C ASP A 299 -0.97 0.47 -2.18
N GLU A 300 -1.93 0.20 -1.30
CA GLU A 300 -2.53 1.22 -0.45
C GLU A 300 -1.55 1.83 0.56
N ALA A 301 -0.57 1.04 1.01
CA ALA A 301 0.29 1.46 2.11
C ALA A 301 1.58 2.12 1.65
N ALA A 302 2.65 1.34 1.51
CA ALA A 302 3.96 1.84 1.08
C ALA A 302 3.76 2.82 -0.06
N ASP A 303 4.23 4.06 0.09
CA ASP A 303 5.35 4.46 0.95
C ASP A 303 5.06 4.70 2.44
N GLU A 304 3.83 4.52 2.90
CA GLU A 304 3.47 4.89 4.27
C GLU A 304 3.76 3.77 5.26
N VAL A 305 3.53 2.52 4.89
CA VAL A 305 3.86 1.40 5.76
C VAL A 305 4.68 0.39 4.95
N THR A 306 5.99 0.59 4.93
CA THR A 306 6.87 -0.16 4.04
C THR A 306 7.01 -1.63 4.39
N TYR A 307 6.74 -1.97 5.64
CA TYR A 307 6.89 -3.33 6.13
C TYR A 307 5.97 -4.30 5.40
N LEU A 308 4.82 -3.80 4.96
CA LEU A 308 3.81 -4.64 4.33
C LEU A 308 4.31 -5.30 3.05
N SER A 309 5.20 -4.62 2.34
CA SER A 309 5.73 -5.15 1.09
C SER A 309 6.69 -6.32 1.30
N ASP A 310 7.19 -6.47 2.53
CA ASP A 310 8.12 -7.54 2.85
C ASP A 310 7.40 -8.81 3.30
N LEU A 311 6.10 -8.67 3.49
CA LEU A 311 5.27 -9.71 4.04
C LEU A 311 4.48 -10.48 3.00
N GLU A 312 4.41 -11.79 3.20
CA GLU A 312 3.47 -12.63 2.51
C GLU A 312 2.19 -12.57 3.34
N ALA A 313 1.04 -12.76 2.71
CA ALA A 313 -0.22 -12.64 3.42
C ALA A 313 -0.45 -13.77 4.40
N GLU A 314 -1.06 -13.46 5.54
CA GLU A 314 -1.43 -14.47 6.51
C GLU A 314 -2.93 -14.52 6.69
N ARG A 315 -3.38 -15.71 7.06
CA ARG A 315 -4.80 -15.98 7.23
C ARG A 315 -5.28 -15.63 8.63
N TYR A 316 -6.34 -14.82 8.67
CA TYR A 316 -6.98 -14.46 9.93
C TYR A 316 -8.47 -14.68 9.83
N GLU A 317 -9.17 -14.56 10.95
CA GLU A 317 -10.62 -14.65 10.95
C GLU A 317 -11.21 -13.32 10.50
N ILE A 318 -10.76 -12.25 11.12
CA ILE A 318 -11.22 -10.90 10.80
C ILE A 318 -10.04 -9.94 10.81
N VAL A 319 -9.94 -9.13 9.75
CA VAL A 319 -8.89 -8.12 9.65
C VAL A 319 -9.48 -6.73 9.70
N ILE A 320 -9.11 -5.96 10.72
CA ILE A 320 -9.55 -4.57 10.82
C ILE A 320 -8.46 -3.64 10.30
N ARG A 321 -8.71 -3.03 9.15
CA ARG A 321 -7.73 -2.14 8.53
C ARG A 321 -8.00 -0.70 8.92
N ALA A 322 -6.93 0.10 8.97
CA ALA A 322 -7.06 1.54 9.15
C ALA A 322 -7.93 2.08 8.02
N ARG A 323 -7.74 1.50 6.84
CA ARG A 323 -8.48 1.84 5.63
C ARG A 323 -9.99 1.61 5.79
N ASP A 324 -10.36 0.68 6.66
CA ASP A 324 -11.77 0.42 6.95
C ASP A 324 -12.39 1.52 7.83
N LEU A 325 -11.56 2.17 8.63
CA LEU A 325 -12.05 3.13 9.60
C LEU A 325 -11.86 4.58 9.16
N GLU A 326 -10.97 4.79 8.21
CA GLU A 326 -10.52 6.15 7.89
C GLU A 326 -9.81 6.15 6.54
N ASP A 327 -9.70 7.33 5.94
CA ASP A 327 -9.02 7.46 4.65
C ASP A 327 -7.51 7.52 4.90
N ARG A 328 -6.98 6.42 5.42
CA ARG A 328 -5.57 6.35 5.85
C ARG A 328 -5.01 4.95 5.61
N ALA A 329 -3.70 4.87 5.41
CA ALA A 329 -3.04 3.59 5.24
C ALA A 329 -2.72 2.98 6.60
N TYR A 330 -2.63 3.84 7.60
CA TYR A 330 -2.32 3.42 8.98
C TYR A 330 -2.96 4.37 9.98
N LEU A 331 -3.14 3.91 11.21
CA LEU A 331 -3.54 4.80 12.28
C LEU A 331 -2.49 4.75 13.39
N ARG A 332 -2.27 5.89 14.03
CA ARG A 332 -1.34 5.97 15.16
C ARG A 332 -2.05 5.39 16.39
N PRO A 333 -1.27 4.97 17.41
CA PRO A 333 -1.84 4.36 18.62
C PRO A 333 -3.02 5.14 19.21
N GLU A 334 -2.86 6.45 19.34
CA GLU A 334 -3.90 7.29 19.94
C GLU A 334 -5.15 7.35 19.05
N GLU A 335 -4.95 7.18 17.74
CA GLU A 335 -6.08 7.17 16.82
C GLU A 335 -6.87 5.87 16.90
N TRP A 336 -6.17 4.77 17.11
CA TRP A 336 -6.82 3.48 17.33
C TRP A 336 -7.67 3.50 18.59
N VAL A 337 -7.17 4.16 19.63
CA VAL A 337 -7.89 4.28 20.89
C VAL A 337 -9.25 4.94 20.69
N GLU A 338 -9.23 6.08 19.99
CA GLU A 338 -10.44 6.88 19.76
C GLU A 338 -11.52 6.10 19.00
N ARG A 339 -11.12 5.05 18.31
CA ARG A 339 -12.05 4.28 17.49
C ARG A 339 -12.21 2.84 17.98
N LEU A 340 -11.92 2.61 19.26
CA LEU A 340 -11.88 1.25 19.79
C LEU A 340 -13.27 0.62 19.95
N ASP A 341 -14.26 1.45 20.29
CA ASP A 341 -15.64 1.00 20.34
C ASP A 341 -16.01 0.42 18.99
N GLU A 342 -15.71 1.21 17.96
CA GLU A 342 -15.95 0.84 16.57
C GLU A 342 -15.21 -0.45 16.20
N VAL A 343 -13.94 -0.53 16.60
CA VAL A 343 -13.09 -1.69 16.29
C VAL A 343 -13.58 -2.98 16.97
N VAL A 344 -13.76 -2.93 18.28
CA VAL A 344 -14.14 -4.11 19.05
C VAL A 344 -15.50 -4.67 18.60
N GLY A 345 -16.37 -3.78 18.15
CA GLY A 345 -17.66 -4.17 17.61
C GLY A 345 -17.55 -5.14 16.44
N GLU A 346 -16.45 -5.05 15.70
CA GLU A 346 -16.27 -5.87 14.51
C GLU A 346 -15.48 -7.15 14.80
N LEU A 347 -14.98 -7.29 16.03
CA LEU A 347 -14.15 -8.43 16.39
C LEU A 347 -15.00 -9.63 16.81
N PRO A 348 -14.45 -10.85 16.68
CA PRO A 348 -15.24 -12.04 17.04
C PRO A 348 -15.30 -12.33 18.54
N TRP A 349 -15.45 -11.29 19.35
CA TRP A 349 -15.64 -11.46 20.79
C TRP A 349 -16.66 -10.44 21.29
N GLY A 350 -17.28 -10.73 22.43
CA GLY A 350 -18.36 -9.90 22.92
C GLY A 350 -19.58 -9.95 22.04
N ARG A 351 -19.86 -11.13 21.48
CA ARG A 351 -21.03 -11.35 20.63
C ARG A 351 -21.02 -10.39 19.43
N GLY B 3 -4.48 3.27 -48.11
CA GLY B 3 -4.60 3.43 -46.67
C GLY B 3 -4.86 2.13 -45.94
N ILE B 4 -6.08 1.60 -46.03
CA ILE B 4 -7.16 2.25 -46.78
C ILE B 4 -7.98 3.15 -45.86
N GLY B 5 -8.29 2.66 -44.66
CA GLY B 5 -9.10 3.40 -43.71
C GLY B 5 -9.89 2.48 -42.80
N GLY B 6 -10.97 3.00 -42.23
CA GLY B 6 -11.79 2.23 -41.32
C GLY B 6 -11.21 2.08 -39.93
N THR B 7 -11.73 1.11 -39.18
CA THR B 7 -11.43 0.99 -37.76
C THR B 7 -11.31 -0.47 -37.32
N ILE B 8 -10.52 -0.68 -36.27
CA ILE B 8 -10.50 -1.96 -35.57
C ILE B 8 -10.88 -1.72 -34.12
N THR B 9 -11.92 -2.41 -33.65
CA THR B 9 -12.41 -2.19 -32.30
C THR B 9 -12.13 -3.39 -31.39
N LEU B 10 -11.37 -3.13 -30.32
CA LEU B 10 -11.14 -4.12 -29.28
C LEU B 10 -12.34 -4.14 -28.34
N VAL B 11 -12.92 -5.31 -28.13
CA VAL B 11 -14.08 -5.44 -27.25
C VAL B 11 -13.85 -6.48 -26.18
N GLY B 12 -14.12 -6.10 -24.93
CA GLY B 12 -13.98 -6.99 -23.80
C GLY B 12 -14.27 -6.24 -22.52
N GLU B 13 -13.48 -6.47 -21.49
CA GLU B 13 -13.65 -5.74 -20.24
C GLU B 13 -12.38 -5.68 -19.42
N ILE B 14 -12.35 -4.73 -18.48
CA ILE B 14 -11.25 -4.59 -17.54
C ILE B 14 -11.63 -5.22 -16.21
N ARG B 15 -10.86 -6.20 -15.75
CA ARG B 15 -11.08 -6.77 -14.42
C ARG B 15 -10.01 -6.28 -13.44
N LEU B 16 -10.45 -5.79 -12.28
CA LEU B 16 -9.51 -5.39 -11.23
C LEU B 16 -9.03 -6.59 -10.42
N ARG B 17 -7.71 -6.75 -10.33
CA ARG B 17 -7.13 -7.80 -9.50
C ARG B 17 -7.07 -7.32 -8.05
N THR B 18 -7.02 -6.01 -7.88
CA THR B 18 -7.05 -5.40 -6.56
C THR B 18 -8.13 -4.32 -6.50
N GLY B 19 -8.65 -4.07 -5.30
CA GLY B 19 -9.61 -3.00 -5.12
C GLY B 19 -8.90 -1.65 -5.08
N THR B 20 -9.67 -0.58 -5.27
CA THR B 20 -9.11 0.77 -5.24
C THR B 20 -10.03 1.72 -4.50
N ARG B 21 -9.48 2.83 -4.03
CA ARG B 21 -10.31 3.92 -3.54
C ARG B 21 -10.98 4.59 -4.73
N ILE B 22 -11.96 5.45 -4.45
CA ILE B 22 -12.63 6.18 -5.51
C ILE B 22 -12.20 7.64 -5.52
N GLY B 23 -11.49 8.04 -6.58
CA GLY B 23 -11.02 9.39 -6.74
C GLY B 23 -9.76 9.70 -5.98
N THR B 24 -9.45 11.00 -5.87
CA THR B 24 -8.32 11.45 -5.09
C THR B 24 -8.73 12.65 -4.26
N SER B 25 -8.35 12.64 -2.98
CA SER B 25 -8.72 13.74 -2.08
C SER B 25 -7.80 14.93 -2.28
N GLU B 26 -8.25 16.10 -1.80
CA GLU B 26 -7.40 17.30 -1.82
C GLU B 26 -6.15 17.02 -1.01
N GLU B 27 -5.10 17.81 -1.24
CA GLU B 27 -3.77 17.60 -0.66
C GLU B 27 -3.08 16.45 -1.41
N GLU B 28 -3.73 15.29 -1.47
CA GLU B 28 -3.22 14.17 -2.26
C GLU B 28 -2.94 14.58 -3.71
N ILE B 29 -3.75 15.48 -4.23
CA ILE B 29 -3.53 16.04 -5.56
C ILE B 29 -2.33 16.98 -5.56
N GLU B 30 -2.06 17.59 -4.41
CA GLU B 30 -1.00 18.57 -4.25
C GLU B 30 0.37 17.92 -3.98
N ILE B 31 0.37 16.86 -3.18
CA ILE B 31 1.61 16.21 -2.75
C ILE B 31 2.33 15.47 -3.87
N GLY B 32 1.64 15.28 -5.00
CA GLY B 32 2.23 14.54 -6.10
C GLY B 32 2.24 13.07 -5.75
N GLY B 33 1.23 12.64 -5.01
CA GLY B 33 1.16 11.28 -4.51
C GLY B 33 0.31 10.37 -5.36
N LEU B 34 -0.88 10.06 -4.85
CA LEU B 34 -1.75 9.08 -5.51
C LEU B 34 -2.32 9.61 -6.82
N ASP B 35 -1.92 8.99 -7.92
CA ASP B 35 -2.58 9.21 -9.19
C ASP B 35 -3.59 8.08 -9.39
N ASN B 36 -4.87 8.40 -9.21
CA ASN B 36 -5.92 7.40 -9.32
C ASN B 36 -6.96 7.78 -10.36
N PRO B 37 -6.98 7.05 -11.49
CA PRO B 37 -7.88 7.35 -12.61
C PRO B 37 -9.32 6.96 -12.32
N VAL B 38 -9.52 6.09 -11.34
CA VAL B 38 -10.86 5.66 -10.94
C VAL B 38 -11.58 6.78 -10.20
N ILE B 39 -12.61 7.34 -10.83
CA ILE B 39 -13.34 8.46 -10.26
C ILE B 39 -14.85 8.24 -10.33
N ARG B 40 -15.60 9.04 -9.58
CA ARG B 40 -17.05 8.93 -9.55
C ARG B 40 -17.69 9.65 -10.74
N ASP B 41 -18.65 8.99 -11.38
CA ASP B 41 -19.40 9.58 -12.49
C ASP B 41 -20.59 10.36 -11.93
N PRO B 42 -20.62 11.68 -12.16
CA PRO B 42 -21.71 12.56 -11.71
C PRO B 42 -23.08 12.09 -12.21
N VAL B 43 -23.12 11.58 -13.43
CA VAL B 43 -24.37 11.17 -14.05
C VAL B 43 -24.93 9.90 -13.42
N SER B 44 -24.17 8.81 -13.53
CA SER B 44 -24.63 7.51 -13.06
C SER B 44 -24.51 7.36 -11.55
N GLY B 45 -23.51 8.01 -10.96
CA GLY B 45 -23.28 7.94 -9.53
C GLY B 45 -22.34 6.80 -9.16
N TYR B 46 -21.88 6.06 -10.16
CA TYR B 46 -20.98 4.94 -9.95
C TYR B 46 -19.55 5.29 -10.40
N PRO B 47 -18.55 4.62 -9.81
CA PRO B 47 -17.17 4.84 -10.22
C PRO B 47 -16.91 4.31 -11.63
N TYR B 48 -15.95 4.93 -12.32
CA TYR B 48 -15.60 4.50 -13.67
C TYR B 48 -14.21 5.01 -14.03
N VAL B 49 -13.68 4.51 -15.15
CA VAL B 49 -12.39 4.95 -15.64
C VAL B 49 -12.54 5.64 -16.97
N PRO B 50 -12.32 6.96 -17.01
CA PRO B 50 -12.41 7.75 -18.25
C PRO B 50 -11.47 7.21 -19.31
N GLY B 51 -11.92 7.22 -20.57
CA GLY B 51 -11.11 6.75 -21.67
C GLY B 51 -9.82 7.51 -21.82
N SER B 52 -9.88 8.82 -21.61
CA SER B 52 -8.70 9.68 -21.74
C SER B 52 -7.66 9.32 -20.68
N SER B 53 -8.12 8.96 -19.49
CA SER B 53 -7.22 8.54 -18.42
C SER B 53 -6.54 7.23 -18.81
N LEU B 54 -7.31 6.33 -19.40
CA LEU B 54 -6.79 5.05 -19.88
C LEU B 54 -5.73 5.24 -20.96
N LYS B 55 -6.04 6.06 -21.95
CA LYS B 55 -5.08 6.35 -23.02
C LYS B 55 -3.81 7.00 -22.49
N GLY B 56 -4.00 8.02 -21.65
CA GLY B 56 -2.90 8.75 -21.04
C GLY B 56 -1.94 7.85 -20.30
N ARG B 57 -2.47 6.91 -19.53
CA ARG B 57 -1.66 5.98 -18.76
C ARG B 57 -0.90 5.04 -19.70
N ALA B 58 -1.63 4.50 -20.68
CA ALA B 58 -1.03 3.64 -21.69
C ALA B 58 0.07 4.37 -22.45
N ARG B 59 -0.17 5.63 -22.76
CA ARG B 59 0.81 6.43 -23.49
C ARG B 59 2.05 6.69 -22.64
N ALA B 60 1.82 7.08 -21.38
CA ALA B 60 2.92 7.40 -20.47
C ALA B 60 3.85 6.21 -20.26
N LEU B 61 3.29 5.01 -20.17
CA LEU B 61 4.07 3.81 -19.92
C LEU B 61 4.74 3.29 -21.20
N PHE B 62 4.02 3.34 -22.31
CA PHE B 62 4.58 2.90 -23.58
C PHE B 62 5.78 3.75 -24.00
N GLU B 63 5.67 5.07 -23.84
CA GLU B 63 6.74 5.98 -24.26
C GLU B 63 8.02 5.71 -23.47
N LEU B 64 7.89 5.40 -22.19
CA LEU B 64 9.04 5.02 -21.36
C LEU B 64 9.63 3.70 -21.81
N ALA B 65 8.77 2.72 -22.06
CA ALA B 65 9.21 1.40 -22.50
C ALA B 65 9.86 1.49 -23.88
N TRP B 66 9.30 2.31 -24.74
CA TRP B 66 9.86 2.53 -26.08
C TRP B 66 11.24 3.16 -25.95
N MET B 67 11.34 4.19 -25.10
CA MET B 67 12.60 4.88 -24.86
C MET B 67 13.69 3.92 -24.35
N LYS B 68 13.35 3.16 -23.31
CA LYS B 68 14.30 2.27 -22.67
C LYS B 68 14.69 1.08 -23.55
N SER B 69 13.74 0.56 -24.33
CA SER B 69 14.00 -0.57 -25.21
C SER B 69 15.02 -0.23 -26.28
N ARG B 70 15.12 1.05 -26.61
CA ARG B 70 16.08 1.50 -27.61
C ARG B 70 17.27 2.19 -26.95
N GLU B 71 17.31 2.13 -25.63
CA GLU B 71 18.37 2.76 -24.83
C GLU B 71 18.61 4.21 -25.26
N ILE B 72 17.55 4.99 -25.25
CA ILE B 72 17.62 6.41 -25.59
C ILE B 72 17.70 7.25 -24.32
N GLU B 73 18.72 8.10 -24.24
CA GLU B 73 18.82 9.06 -23.14
C GLU B 73 17.56 9.92 -23.10
N PRO B 74 16.97 10.06 -21.91
CA PRO B 74 15.71 10.81 -21.73
C PRO B 74 15.80 12.25 -22.21
N ASP B 75 16.99 12.86 -22.13
CA ASP B 75 17.19 14.20 -22.67
C ASP B 75 16.88 14.24 -24.16
N VAL B 76 17.36 13.23 -24.89
CA VAL B 76 17.10 13.14 -26.32
C VAL B 76 15.62 12.82 -26.58
N PHE B 77 15.09 11.87 -25.81
CA PHE B 77 13.74 11.39 -26.02
C PHE B 77 12.67 12.42 -25.66
N PHE B 78 12.86 13.12 -24.56
CA PHE B 78 11.84 14.06 -24.07
C PHE B 78 12.14 15.51 -24.42
N GLY B 79 13.39 15.79 -24.79
CA GLY B 79 13.80 17.13 -25.15
C GLY B 79 13.45 18.19 -24.11
N ALA B 80 12.72 19.21 -24.54
CA ALA B 80 12.36 20.32 -23.65
C ALA B 80 11.32 19.92 -22.59
N HIS B 81 10.73 18.75 -22.75
CA HIS B 81 9.74 18.26 -21.79
C HIS B 81 10.40 17.49 -20.63
N HIS B 82 11.72 17.35 -20.70
CA HIS B 82 12.55 16.84 -19.61
C HIS B 82 12.39 15.34 -19.34
N ASN B 83 11.24 14.95 -18.82
CA ASN B 83 11.09 13.57 -18.32
C ASN B 83 9.74 12.91 -18.60
N GLU B 84 8.87 13.58 -19.35
CA GLU B 84 7.56 13.03 -19.66
C GLU B 84 6.94 13.69 -20.88
N ARG B 85 5.82 13.11 -21.33
CA ARG B 85 5.09 13.61 -22.50
C ARG B 85 5.99 13.86 -23.70
N HIS B 86 6.56 12.79 -24.24
CA HIS B 86 7.28 12.89 -25.50
C HIS B 86 6.31 13.22 -26.61
N GLU B 87 6.61 14.28 -27.36
CA GLU B 87 5.80 14.66 -28.52
C GLU B 87 6.69 15.06 -29.69
N CYS B 88 6.52 14.39 -30.82
CA CYS B 88 7.25 14.74 -32.04
C CYS B 88 6.29 14.75 -33.23
N GLY B 89 6.77 15.24 -34.37
CA GLY B 89 5.94 15.34 -35.56
C GLY B 89 6.21 14.27 -36.60
N PHE B 90 7.10 13.33 -36.29
CA PHE B 90 7.42 12.23 -37.20
C PHE B 90 6.31 11.18 -37.20
N VAL B 91 5.13 11.57 -37.67
CA VAL B 91 3.94 10.74 -37.53
C VAL B 91 3.53 10.07 -38.84
N ARG B 92 4.12 10.53 -39.94
CA ARG B 92 3.92 9.89 -41.23
C ARG B 92 5.24 9.85 -42.00
N ARG B 93 5.37 8.86 -42.89
CA ARG B 93 6.63 8.63 -43.60
C ARG B 93 7.01 9.84 -44.44
N GLU B 94 6.00 10.58 -44.89
CA GLU B 94 6.19 11.83 -45.62
C GLU B 94 7.10 12.78 -44.83
N VAL B 95 6.74 13.04 -43.57
CA VAL B 95 7.52 13.90 -42.68
C VAL B 95 9.02 13.52 -42.65
N TYR B 96 9.31 12.24 -42.48
CA TYR B 96 10.69 11.80 -42.40
C TYR B 96 11.43 12.02 -43.72
N GLU B 97 10.76 11.75 -44.83
CA GLU B 97 11.34 11.90 -46.15
C GLU B 97 11.75 13.35 -46.40
N GLU B 98 10.87 14.27 -46.04
CA GLU B 98 11.10 15.70 -46.23
C GLU B 98 12.22 16.22 -45.34
N ALA B 99 12.42 15.56 -44.20
CA ALA B 99 13.39 16.01 -43.22
C ALA B 99 14.75 15.33 -43.36
N LYS B 100 14.79 14.24 -44.12
CA LYS B 100 15.99 13.43 -44.27
C LYS B 100 17.17 14.28 -44.73
N GLU B 101 16.88 15.24 -45.61
CA GLU B 101 17.88 16.15 -46.15
C GLU B 101 18.61 16.94 -45.07
N TYR B 102 17.92 17.21 -43.96
CA TYR B 102 18.48 18.02 -42.88
C TYR B 102 18.95 17.17 -41.70
N LEU B 103 18.98 15.85 -41.87
CA LEU B 103 19.39 14.98 -40.78
C LEU B 103 20.80 14.44 -40.95
N ARG B 104 21.61 14.63 -39.91
CA ARG B 104 22.96 14.06 -39.87
C ARG B 104 22.85 12.59 -39.53
N GLU B 105 21.82 12.27 -38.76
CA GLU B 105 21.61 10.93 -38.25
C GLU B 105 20.14 10.78 -37.84
N ASP B 106 19.62 9.56 -37.95
CA ASP B 106 18.21 9.32 -37.66
C ASP B 106 17.92 9.45 -36.17
N PRO B 107 16.87 10.23 -35.83
CA PRO B 107 16.37 10.24 -34.45
C PRO B 107 16.09 8.80 -33.99
N PRO B 108 16.64 8.43 -32.82
CA PRO B 108 16.68 7.02 -32.41
C PRO B 108 15.32 6.42 -32.04
N TRP B 109 14.30 7.26 -31.90
CA TRP B 109 12.98 6.75 -31.51
C TRP B 109 12.09 6.44 -32.71
N LEU B 110 12.66 6.45 -33.90
CA LEU B 110 11.90 6.17 -35.11
C LEU B 110 12.01 4.71 -35.55
N GLU B 111 10.92 4.20 -36.12
CA GLU B 111 10.90 2.88 -36.72
C GLU B 111 10.28 2.98 -38.10
N ASN B 112 11.05 2.60 -39.12
CA ASN B 112 10.67 2.83 -40.51
C ASN B 112 10.22 4.27 -40.77
N GLY B 113 10.94 5.20 -40.16
CA GLY B 113 10.73 6.62 -40.43
C GLY B 113 9.69 7.31 -39.57
N THR B 114 8.97 6.56 -38.74
CA THR B 114 7.90 7.15 -37.94
C THR B 114 7.97 6.78 -36.46
N CYS B 115 7.28 7.58 -35.64
CA CYS B 115 7.25 7.41 -34.21
C CYS B 115 5.99 6.66 -33.76
N PRO B 116 6.16 5.46 -33.20
CA PRO B 116 5.03 4.66 -32.71
C PRO B 116 4.24 5.38 -31.62
N VAL B 117 4.94 5.99 -30.67
CA VAL B 117 4.30 6.73 -29.58
C VAL B 117 3.35 7.79 -30.11
N CYS B 118 3.87 8.69 -30.94
CA CYS B 118 3.10 9.83 -31.41
C CYS B 118 2.06 9.45 -32.49
N ARG B 119 2.41 8.55 -33.39
CA ARG B 119 1.49 8.19 -34.46
C ARG B 119 0.29 7.41 -33.92
N ILE B 120 0.49 6.68 -32.83
CA ILE B 120 -0.59 5.89 -32.22
C ILE B 120 -1.38 6.70 -31.20
N PHE B 121 -0.68 7.32 -30.26
CA PHE B 121 -1.34 7.98 -29.14
C PHE B 121 -1.47 9.49 -29.34
N GLY B 122 -1.14 9.96 -30.53
CA GLY B 122 -1.31 11.37 -30.86
C GLY B 122 -0.16 12.24 -30.40
N SER B 123 -0.12 13.47 -30.90
CA SER B 123 0.94 14.42 -30.56
C SER B 123 0.50 15.85 -30.88
N ALA B 124 0.94 16.79 -30.05
CA ALA B 124 0.63 18.20 -30.27
C ALA B 124 1.50 18.80 -31.36
N GLY B 125 2.60 18.11 -31.68
CA GLY B 125 3.54 18.59 -32.67
C GLY B 125 4.97 18.35 -32.22
N ASP B 126 5.83 19.35 -32.38
CA ASP B 126 7.23 19.24 -31.98
C ASP B 126 7.37 19.64 -30.52
N GLY B 127 6.72 18.89 -29.64
CA GLY B 127 6.72 19.18 -28.21
C GLY B 127 8.09 19.09 -27.58
N ILE B 128 8.90 18.14 -28.04
CA ILE B 128 10.26 17.97 -27.53
C ILE B 128 11.17 19.09 -28.01
N GLY B 129 10.71 19.82 -29.03
CA GLY B 129 11.44 20.96 -29.54
C GLY B 129 12.62 20.58 -30.41
N PHE B 130 12.48 19.50 -31.17
CA PHE B 130 13.54 19.01 -32.04
C PHE B 130 14.02 20.08 -33.01
N SER B 131 13.10 20.94 -33.44
CA SER B 131 13.43 22.00 -34.38
C SER B 131 13.51 23.36 -33.70
N ASP B 132 13.77 23.37 -32.40
CA ASP B 132 13.86 24.62 -31.65
C ASP B 132 15.03 24.62 -30.66
N PRO B 133 16.26 24.75 -31.17
CA PRO B 133 17.48 24.73 -30.36
C PRO B 133 17.56 25.89 -29.36
N GLY B 134 17.00 27.03 -29.74
CA GLY B 134 16.91 28.18 -28.85
C GLY B 134 16.21 27.81 -27.55
N ARG B 135 15.08 27.13 -27.68
CA ARG B 135 14.31 26.63 -26.55
C ARG B 135 15.11 25.63 -25.70
N LEU B 136 15.74 24.66 -26.39
CA LEU B 136 16.56 23.65 -25.71
C LEU B 136 17.66 24.25 -24.86
N GLU B 137 18.37 25.21 -25.44
CA GLU B 137 19.57 25.76 -24.83
C GLU B 137 19.25 26.74 -23.71
N ASP B 138 18.03 27.28 -23.72
CA ASP B 138 17.57 28.13 -22.64
C ASP B 138 17.45 27.30 -21.36
N GLU B 139 18.08 27.78 -20.28
CA GLU B 139 18.08 27.05 -19.02
C GLU B 139 16.69 26.99 -18.41
N ARG B 140 15.97 28.11 -18.50
CA ARG B 140 14.64 28.22 -17.97
C ARG B 140 13.60 27.50 -18.83
N ARG B 141 13.74 27.59 -20.15
CA ARG B 141 12.73 27.05 -21.06
C ARG B 141 13.06 25.64 -21.55
N GLY B 142 14.28 25.18 -21.33
CA GLY B 142 14.71 23.90 -21.85
C GLY B 142 15.68 23.13 -20.98
N LEU B 143 16.68 22.53 -21.63
CA LEU B 143 17.66 21.68 -20.96
C LEU B 143 18.94 22.43 -20.60
N GLY B 144 19.14 23.60 -21.21
CA GLY B 144 20.36 24.37 -21.01
C GLY B 144 21.42 24.00 -22.03
N TYR B 145 21.01 23.19 -23.01
CA TYR B 145 21.89 22.73 -24.08
C TYR B 145 21.09 22.04 -25.18
N ASP B 146 21.73 21.77 -26.31
CA ASP B 146 21.07 21.12 -27.45
C ASP B 146 21.50 19.66 -27.58
N PRO B 147 20.59 18.74 -27.27
CA PRO B 147 20.86 17.30 -27.28
C PRO B 147 20.70 16.66 -28.65
N TYR B 148 20.27 17.45 -29.63
CA TYR B 148 19.95 16.94 -30.96
C TYR B 148 21.03 17.25 -31.99
N GLY B 149 22.21 17.63 -31.51
CA GLY B 149 23.31 18.01 -32.38
C GLY B 149 23.75 16.95 -33.37
N ARG B 150 23.88 15.71 -32.92
CA ARG B 150 24.34 14.63 -33.78
C ARG B 150 23.27 14.20 -34.79
N TYR B 151 22.04 14.66 -34.59
CA TYR B 151 20.95 14.29 -35.49
C TYR B 151 20.66 15.39 -36.51
N ARG B 152 20.99 16.63 -36.16
CA ARG B 152 20.73 17.76 -37.05
C ARG B 152 21.50 19.01 -36.63
N ASP B 153 21.88 19.81 -37.62
CA ASP B 153 22.51 21.10 -37.37
C ASP B 153 21.44 22.07 -36.91
N PRO B 154 21.67 22.74 -35.77
CA PRO B 154 20.75 23.75 -35.24
C PRO B 154 20.44 24.87 -36.24
N ASN B 155 21.33 25.09 -37.20
CA ASN B 155 21.08 26.10 -38.23
C ASN B 155 20.02 25.65 -39.23
N ASP B 156 19.80 24.34 -39.31
CA ASP B 156 18.76 23.79 -40.19
C ASP B 156 17.43 23.62 -39.47
N ALA B 157 17.33 24.20 -38.27
CA ALA B 157 16.15 24.00 -37.43
C ALA B 157 14.90 24.70 -37.98
N GLN B 158 15.06 25.89 -38.53
CA GLN B 158 13.91 26.64 -39.04
C GLN B 158 13.33 25.96 -40.28
N GLU B 159 14.22 25.37 -41.09
CA GLU B 159 13.79 24.57 -42.23
C GLU B 159 13.05 23.33 -41.69
N LEU B 160 13.66 22.69 -40.70
CA LEU B 160 13.07 21.55 -40.02
C LEU B 160 11.74 21.91 -39.36
N SER B 161 11.64 23.16 -38.92
CA SER B 161 10.47 23.63 -38.17
C SER B 161 9.19 23.64 -39.00
N GLY B 162 9.34 23.60 -40.32
CA GLY B 162 8.20 23.56 -41.21
C GLY B 162 7.83 22.15 -41.60
N VAL B 163 8.64 21.19 -41.17
CA VAL B 163 8.41 19.79 -41.52
C VAL B 163 7.96 18.95 -40.33
N VAL B 164 8.64 19.09 -39.21
CA VAL B 164 8.48 18.15 -38.11
C VAL B 164 7.62 18.67 -36.96
N ASP B 165 6.88 19.74 -37.19
CA ASP B 165 6.04 20.32 -36.14
C ASP B 165 4.57 20.32 -36.58
N VAL B 166 4.04 19.12 -36.83
CA VAL B 166 2.65 18.98 -37.26
C VAL B 166 1.83 18.11 -36.31
N LYS B 167 0.73 18.67 -35.82
CA LYS B 167 -0.24 17.92 -35.01
C LYS B 167 -0.62 16.59 -35.65
N LYS B 168 -0.89 15.60 -34.81
CA LYS B 168 -1.50 14.36 -35.27
C LYS B 168 -2.59 13.90 -34.31
N GLU B 169 -3.75 13.60 -34.88
CA GLU B 169 -4.83 13.00 -34.10
C GLU B 169 -4.45 11.55 -33.79
N ALA B 170 -4.66 11.15 -32.54
CA ALA B 170 -4.36 9.78 -32.12
C ALA B 170 -5.08 8.74 -32.99
N ARG B 171 -4.39 7.66 -33.31
CA ARG B 171 -5.01 6.55 -34.02
C ARG B 171 -5.89 5.72 -33.09
N VAL B 172 -5.67 5.83 -31.78
CA VAL B 172 -6.45 5.07 -30.82
C VAL B 172 -7.32 5.97 -29.95
N ALA B 173 -8.53 5.48 -29.66
CA ALA B 173 -9.42 6.17 -28.74
C ALA B 173 -10.00 5.17 -27.76
N PHE B 174 -9.97 5.52 -26.48
CA PHE B 174 -10.52 4.64 -25.45
C PHE B 174 -11.89 5.14 -25.04
N ARG B 175 -12.87 4.25 -25.07
CA ARG B 175 -14.21 4.56 -24.62
C ARG B 175 -14.24 4.55 -23.09
N ASP B 176 -15.08 5.39 -22.49
CA ASP B 176 -15.24 5.38 -21.05
C ASP B 176 -15.62 4.00 -20.52
N ALA B 177 -14.87 3.53 -19.53
CA ALA B 177 -15.08 2.20 -18.98
C ALA B 177 -15.98 2.26 -17.75
N HIS B 178 -17.22 1.82 -17.92
CA HIS B 178 -18.20 1.83 -16.84
C HIS B 178 -18.37 0.43 -16.29
N PRO B 179 -18.80 0.31 -15.01
CA PRO B 179 -19.01 -1.02 -14.45
C PRO B 179 -20.12 -1.76 -15.18
N THR B 180 -19.92 -3.06 -15.40
CA THR B 180 -20.91 -3.88 -16.07
C THR B 180 -22.10 -4.14 -15.15
N THR B 181 -23.22 -4.54 -15.73
CA THR B 181 -24.42 -4.85 -14.95
C THR B 181 -24.12 -5.90 -13.89
N TYR B 182 -23.31 -6.89 -14.26
CA TYR B 182 -22.85 -7.90 -13.30
C TYR B 182 -22.11 -7.25 -12.14
N THR B 183 -21.26 -6.28 -12.45
CA THR B 183 -20.46 -5.62 -11.44
C THR B 183 -21.35 -4.82 -10.48
N VAL B 184 -22.38 -4.20 -11.02
CA VAL B 184 -23.30 -3.40 -10.23
C VAL B 184 -24.26 -4.27 -9.41
N ASN B 185 -24.85 -5.26 -10.07
CA ASN B 185 -25.86 -6.12 -9.45
C ASN B 185 -25.30 -7.19 -8.51
N ASP B 186 -24.06 -7.61 -8.74
CA ASP B 186 -23.49 -8.73 -7.99
C ASP B 186 -22.31 -8.28 -7.14
N VAL B 187 -21.23 -7.85 -7.80
CA VAL B 187 -19.98 -7.53 -7.09
C VAL B 187 -20.17 -6.37 -6.10
N PHE B 188 -20.78 -5.29 -6.57
CA PHE B 188 -21.02 -4.12 -5.71
C PHE B 188 -21.99 -4.46 -4.58
N GLU B 189 -23.01 -5.25 -4.90
CA GLU B 189 -24.03 -5.63 -3.93
C GLU B 189 -23.48 -6.57 -2.86
N ARG B 190 -22.65 -7.53 -3.28
CA ARG B 190 -22.02 -8.48 -2.36
C ARG B 190 -21.17 -7.76 -1.32
N ALA B 191 -20.57 -6.65 -1.72
CA ALA B 191 -19.66 -5.92 -0.86
C ALA B 191 -20.39 -4.79 -0.11
N GLY B 192 -21.57 -4.45 -0.62
CA GLY B 192 -22.35 -3.36 -0.04
C GLY B 192 -21.77 -2.00 -0.39
N GLU B 193 -20.95 -1.97 -1.44
CA GLU B 193 -20.29 -0.75 -1.88
C GLU B 193 -19.66 -0.96 -3.26
N PRO B 194 -19.61 0.09 -4.09
CA PRO B 194 -20.19 1.42 -3.81
C PRO B 194 -21.69 1.49 -4.08
N THR B 195 -22.32 2.55 -3.60
CA THR B 195 -23.75 2.75 -3.84
C THR B 195 -23.95 3.86 -4.87
N GLU B 196 -25.19 4.04 -5.29
CA GLU B 196 -25.52 5.08 -6.26
C GLU B 196 -25.41 6.44 -5.58
N VAL B 197 -24.42 7.22 -5.98
CA VAL B 197 -24.18 8.51 -5.36
C VAL B 197 -24.11 9.59 -6.45
N LYS B 198 -25.26 9.88 -7.04
CA LYS B 198 -25.38 10.86 -8.10
C LYS B 198 -25.37 12.28 -7.56
N HIS B 199 -24.91 13.22 -8.38
CA HIS B 199 -24.90 14.63 -8.00
C HIS B 199 -25.60 15.49 -9.05
N MET B 215 -16.26 7.50 2.18
CA MET B 215 -15.13 6.77 1.63
C MET B 215 -15.52 5.38 1.08
N GLU B 216 -16.05 5.36 -0.13
CA GLU B 216 -16.47 4.11 -0.78
C GLU B 216 -15.35 3.57 -1.65
N ARG B 217 -15.31 2.26 -1.82
CA ARG B 217 -14.24 1.62 -2.58
C ARG B 217 -14.80 0.73 -3.68
N VAL B 218 -13.97 0.46 -4.67
CA VAL B 218 -14.32 -0.46 -5.73
C VAL B 218 -13.69 -1.81 -5.40
N PRO B 219 -14.53 -2.82 -5.16
CA PRO B 219 -14.06 -4.14 -4.73
C PRO B 219 -13.18 -4.83 -5.76
N LYS B 220 -12.27 -5.67 -5.28
CA LYS B 220 -11.48 -6.52 -6.16
C LYS B 220 -12.41 -7.46 -6.93
N GLY B 221 -12.11 -7.66 -8.21
CA GLY B 221 -12.96 -8.49 -9.05
C GLY B 221 -13.98 -7.69 -9.83
N SER B 222 -14.07 -6.40 -9.56
CA SER B 222 -14.98 -5.52 -10.30
C SER B 222 -14.61 -5.49 -11.77
N ARG B 223 -15.60 -5.27 -12.62
CA ARG B 223 -15.37 -5.35 -14.05
C ARG B 223 -15.98 -4.15 -14.78
N PHE B 224 -15.17 -3.54 -15.63
CA PHE B 224 -15.57 -2.36 -16.40
C PHE B 224 -15.46 -2.62 -17.89
N GLY B 225 -16.49 -2.20 -18.63
CA GLY B 225 -16.54 -2.42 -20.07
C GLY B 225 -15.34 -1.84 -20.80
N LEU B 226 -14.77 -2.63 -21.71
CA LEU B 226 -13.62 -2.18 -22.48
C LEU B 226 -13.95 -2.09 -23.97
N GLU B 227 -13.88 -0.88 -24.50
CA GLU B 227 -13.98 -0.68 -25.95
C GLU B 227 -12.88 0.27 -26.41
N VAL B 228 -11.97 -0.26 -27.23
CA VAL B 228 -10.87 0.52 -27.75
C VAL B 228 -10.89 0.53 -29.27
N VAL B 229 -10.94 1.73 -29.85
CA VAL B 229 -11.04 1.89 -31.30
C VAL B 229 -9.72 2.35 -31.92
N TYR B 230 -9.19 1.56 -32.84
CA TYR B 230 -7.99 1.93 -33.57
C TYR B 230 -8.35 2.32 -35.00
N ARG B 231 -7.93 3.52 -35.41
CA ARG B 231 -8.19 4.00 -36.76
C ARG B 231 -7.07 3.57 -37.69
N VAL B 232 -7.40 2.73 -38.67
CA VAL B 232 -6.44 2.27 -39.66
C VAL B 232 -6.09 3.39 -40.64
N GLU B 233 -4.82 3.78 -40.67
CA GLU B 233 -4.37 4.86 -41.54
C GLU B 233 -3.26 4.40 -42.50
N ASP B 234 -2.37 3.56 -42.00
CA ASP B 234 -1.23 3.12 -42.78
C ASP B 234 -1.11 1.60 -42.70
N GLY B 235 -1.42 0.93 -43.81
CA GLY B 235 -1.37 -0.52 -43.89
C GLY B 235 -0.04 -1.11 -43.49
N GLU B 236 1.04 -0.39 -43.81
CA GLU B 236 2.39 -0.88 -43.50
C GLU B 236 2.66 -0.87 -42.00
N GLU B 237 1.96 0.01 -41.28
CA GLU B 237 2.15 0.16 -39.84
C GLU B 237 1.03 -0.48 -39.02
N LEU B 238 0.10 -1.14 -39.70
CA LEU B 238 -1.08 -1.70 -39.06
C LEU B 238 -0.72 -2.71 -37.96
N GLU B 239 0.05 -3.73 -38.34
CA GLU B 239 0.41 -4.78 -37.39
C GLU B 239 1.27 -4.24 -36.27
N SER B 240 2.21 -3.37 -36.62
CA SER B 240 3.11 -2.78 -35.64
C SER B 240 2.34 -1.98 -34.60
N ASP B 241 1.36 -1.20 -35.06
CA ASP B 241 0.54 -0.40 -34.15
C ASP B 241 -0.24 -1.28 -33.19
N LEU B 242 -0.82 -2.35 -33.70
CA LEU B 242 -1.56 -3.29 -32.87
C LEU B 242 -0.64 -3.91 -31.82
N LYS B 243 0.56 -4.27 -32.24
CA LYS B 243 1.57 -4.81 -31.32
C LYS B 243 1.86 -3.82 -30.19
N TYR B 244 2.06 -2.57 -30.56
CA TYR B 244 2.42 -1.55 -29.59
C TYR B 244 1.22 -1.13 -28.73
N LEU B 245 0.03 -1.12 -29.33
CA LEU B 245 -1.19 -0.85 -28.58
C LEU B 245 -1.42 -1.93 -27.51
N MET B 246 -1.35 -3.19 -27.93
CA MET B 246 -1.48 -4.30 -27.01
C MET B 246 -0.40 -4.24 -25.93
N SER B 247 0.83 -3.95 -26.34
CA SER B 247 1.95 -3.85 -25.41
C SER B 247 1.70 -2.79 -24.34
N SER B 248 1.08 -1.68 -24.74
CA SER B 248 0.81 -0.60 -23.79
C SER B 248 -0.21 -1.05 -22.75
N LEU B 249 -1.19 -1.86 -23.17
CA LEU B 249 -2.17 -2.40 -22.25
C LEU B 249 -1.52 -3.41 -21.31
N LYS B 250 -0.58 -4.18 -21.86
CA LYS B 250 0.21 -5.12 -21.08
C LYS B 250 1.01 -4.38 -20.01
N LEU B 251 1.57 -3.23 -20.39
CA LEU B 251 2.33 -2.40 -19.45
C LEU B 251 1.44 -1.87 -18.34
N VAL B 252 0.22 -1.48 -18.71
CA VAL B 252 -0.76 -1.00 -17.74
C VAL B 252 -1.12 -2.12 -16.77
N GLU B 253 -1.24 -3.34 -17.28
CA GLU B 253 -1.48 -4.51 -16.44
C GLU B 253 -0.37 -4.71 -15.41
N ASP B 254 0.87 -4.64 -15.89
CA ASP B 254 2.03 -4.90 -15.02
C ASP B 254 2.31 -3.76 -14.04
N GLN B 255 1.93 -2.53 -14.39
CA GLN B 255 2.33 -1.38 -13.59
C GLN B 255 1.16 -0.60 -12.99
N GLY B 256 -0.07 -0.97 -13.35
CA GLY B 256 -1.24 -0.35 -12.76
C GLY B 256 -1.83 0.76 -13.63
N ILE B 257 -3.15 0.94 -13.53
CA ILE B 257 -3.82 2.03 -14.24
C ILE B 257 -3.46 3.37 -13.60
N GLY B 258 -2.99 3.31 -12.36
CA GLY B 258 -2.54 4.49 -11.66
C GLY B 258 -1.26 4.19 -10.90
N HIS B 259 -0.84 5.10 -10.04
CA HIS B 259 0.39 4.89 -9.28
C HIS B 259 0.49 5.81 -8.07
N SER B 260 1.18 5.33 -7.05
CA SER B 260 1.61 6.19 -5.95
C SER B 260 3.04 6.64 -6.26
N THR B 261 3.69 7.24 -5.28
CA THR B 261 5.10 7.58 -5.39
C THR B 261 5.98 6.33 -5.59
N SER B 262 5.66 5.28 -4.84
CA SER B 262 6.55 4.12 -4.73
C SER B 262 6.20 3.01 -5.72
N ARG B 263 4.94 2.57 -5.73
CA ARG B 263 4.53 1.47 -6.59
C ARG B 263 3.28 1.79 -7.41
N GLY B 264 2.91 0.86 -8.28
CA GLY B 264 1.70 0.99 -9.09
C GLY B 264 0.44 0.96 -8.25
N TYR B 265 -0.66 1.41 -8.84
CA TYR B 265 -1.95 1.46 -8.15
C TYR B 265 -3.08 1.07 -9.09
N GLY B 266 -3.92 0.15 -8.65
CA GLY B 266 -5.03 -0.33 -9.46
C GLY B 266 -4.62 -1.41 -10.44
N ARG B 267 -4.50 -2.64 -9.93
CA ARG B 267 -4.07 -3.77 -10.75
C ARG B 267 -5.24 -4.24 -11.61
N VAL B 268 -4.99 -4.42 -12.92
CA VAL B 268 -6.07 -4.74 -13.84
C VAL B 268 -5.70 -5.80 -14.88
N GLU B 269 -6.74 -6.43 -15.45
CA GLU B 269 -6.58 -7.32 -16.58
C GLU B 269 -7.40 -6.79 -17.75
N PHE B 270 -6.81 -6.74 -18.93
CA PHE B 270 -7.58 -6.42 -20.12
C PHE B 270 -8.00 -7.72 -20.81
N ARG B 271 -9.26 -8.09 -20.61
CA ARG B 271 -9.77 -9.33 -21.19
C ARG B 271 -10.44 -9.01 -22.53
N ILE B 272 -9.73 -9.28 -23.61
CA ILE B 272 -10.17 -8.86 -24.94
C ILE B 272 -10.76 -10.04 -25.70
N ALA B 273 -12.07 -10.00 -25.91
CA ALA B 273 -12.79 -11.13 -26.48
C ALA B 273 -12.73 -11.15 -28.01
N ALA B 274 -12.63 -9.97 -28.61
CA ALA B 274 -12.65 -9.89 -30.06
C ALA B 274 -12.05 -8.60 -30.61
N LEU B 275 -11.48 -8.71 -31.80
CA LEU B 275 -11.11 -7.56 -32.61
C LEU B 275 -12.13 -7.45 -33.73
N CYS B 276 -12.83 -6.33 -33.79
CA CYS B 276 -13.92 -6.17 -34.75
C CYS B 276 -13.54 -5.12 -35.80
N ALA B 277 -13.41 -5.57 -37.05
CA ALA B 277 -12.86 -4.72 -38.09
C ALA B 277 -13.90 -4.25 -39.09
N ARG B 278 -13.80 -2.97 -39.45
CA ARG B 278 -14.62 -2.39 -40.50
C ARG B 278 -13.73 -1.55 -41.42
N SER B 279 -13.63 -1.97 -42.68
CA SER B 279 -12.83 -1.21 -43.65
C SER B 279 -13.70 -0.14 -44.31
N THR B 280 -13.06 0.88 -44.87
CA THR B 280 -13.78 1.98 -45.52
C THR B 280 -14.66 1.44 -46.66
N GLY B 281 -14.10 0.52 -47.43
CA GLY B 281 -14.84 -0.14 -48.49
C GLY B 281 -16.11 -0.81 -47.99
N TRP B 282 -16.01 -1.45 -46.83
CA TRP B 282 -17.14 -2.18 -46.24
C TRP B 282 -18.35 -1.30 -46.00
N TYR B 283 -18.13 -0.03 -45.66
CA TYR B 283 -19.22 0.89 -45.43
C TYR B 283 -20.11 1.07 -46.66
N LEU B 284 -19.59 0.73 -47.84
CA LEU B 284 -20.36 0.85 -49.07
C LEU B 284 -21.26 -0.36 -49.34
N ASP B 285 -20.77 -1.55 -49.00
CA ASP B 285 -21.56 -2.78 -49.14
C ASP B 285 -21.30 -3.74 -47.98
N PRO B 286 -21.90 -3.49 -46.80
CA PRO B 286 -21.56 -4.38 -45.69
C PRO B 286 -21.97 -5.88 -45.85
N GLY B 287 -23.12 -6.23 -46.45
CA GLY B 287 -24.36 -5.51 -46.36
C GLY B 287 -24.89 -5.70 -44.95
N ALA B 288 -24.47 -6.82 -44.34
CA ALA B 288 -24.83 -7.21 -42.98
C ALA B 288 -24.11 -8.51 -42.61
N GLY B 289 -22.79 -8.44 -42.40
CA GLY B 289 -22.00 -9.65 -42.39
C GLY B 289 -21.68 -10.32 -41.06
N GLU B 290 -20.65 -9.86 -40.35
CA GLU B 290 -20.38 -10.43 -39.03
C GLU B 290 -20.79 -9.54 -37.86
N GLY B 291 -21.65 -10.08 -37.00
CA GLY B 291 -22.12 -9.38 -35.82
C GLY B 291 -21.35 -9.74 -34.56
N PHE B 292 -21.29 -8.79 -33.63
CA PHE B 292 -20.67 -9.03 -32.33
C PHE B 292 -21.12 -7.97 -31.32
N PRO B 293 -21.45 -8.40 -30.09
CA PRO B 293 -21.49 -9.82 -29.67
C PRO B 293 -22.83 -10.48 -29.97
N GLU B 294 -22.79 -11.70 -30.50
CA GLU B 294 -23.99 -12.49 -30.72
C GLU B 294 -24.35 -13.27 -29.45
N GLU B 295 -25.51 -13.93 -29.45
CA GLU B 295 -25.96 -14.71 -28.30
C GLU B 295 -24.92 -15.74 -27.89
N GLU B 296 -24.34 -16.39 -28.90
CA GLU B 296 -23.30 -17.39 -28.69
C GLU B 296 -22.10 -16.80 -27.95
N ASP B 297 -21.68 -15.60 -28.33
CA ASP B 297 -20.56 -14.94 -27.67
C ASP B 297 -20.84 -14.68 -26.19
N LYS B 298 -22.07 -14.30 -25.88
CA LYS B 298 -22.46 -13.98 -24.50
C LYS B 298 -22.47 -15.23 -23.63
N ASP B 299 -23.02 -16.32 -24.16
CA ASP B 299 -23.04 -17.59 -23.45
C ASP B 299 -21.62 -18.12 -23.22
N GLU B 300 -20.78 -18.00 -24.24
CA GLU B 300 -19.39 -18.46 -24.13
C GLU B 300 -18.59 -17.62 -23.14
N ALA B 301 -18.89 -16.33 -23.06
CA ALA B 301 -18.13 -15.40 -22.23
C ALA B 301 -18.83 -15.12 -20.90
N ALA B 302 -19.83 -15.94 -20.59
CA ALA B 302 -20.63 -15.80 -19.38
C ALA B 302 -19.82 -15.46 -18.15
N ASP B 303 -18.94 -16.38 -17.75
CA ASP B 303 -18.13 -16.19 -16.55
C ASP B 303 -16.82 -15.45 -16.79
N GLU B 304 -16.47 -15.26 -18.06
CA GLU B 304 -15.16 -14.69 -18.38
C GLU B 304 -15.15 -13.21 -18.75
N VAL B 305 -16.13 -12.79 -19.56
CA VAL B 305 -16.25 -11.40 -19.98
C VAL B 305 -17.69 -10.92 -19.82
N THR B 306 -18.02 -10.38 -18.66
CA THR B 306 -19.40 -10.06 -18.32
C THR B 306 -19.98 -8.91 -19.14
N TYR B 307 -19.11 -8.07 -19.69
CA TYR B 307 -19.54 -6.89 -20.44
C TYR B 307 -20.33 -7.25 -21.70
N LEU B 308 -20.04 -8.40 -22.29
CA LEU B 308 -20.66 -8.79 -23.56
C LEU B 308 -22.18 -8.95 -23.44
N SER B 309 -22.64 -9.37 -22.27
CA SER B 309 -24.07 -9.57 -22.06
C SER B 309 -24.82 -8.24 -21.95
N ASP B 310 -24.09 -7.16 -21.76
CA ASP B 310 -24.69 -5.83 -21.66
C ASP B 310 -24.82 -5.16 -23.02
N LEU B 311 -24.24 -5.78 -24.04
CA LEU B 311 -24.17 -5.16 -25.36
C LEU B 311 -25.19 -5.74 -26.35
N GLU B 312 -25.74 -4.88 -27.19
CA GLU B 312 -26.44 -5.33 -28.39
C GLU B 312 -25.41 -5.64 -29.46
N ALA B 313 -25.74 -6.52 -30.39
CA ALA B 313 -24.82 -6.86 -31.46
C ALA B 313 -24.66 -5.70 -32.44
N GLU B 314 -23.44 -5.48 -32.90
CA GLU B 314 -23.16 -4.49 -33.93
C GLU B 314 -22.55 -5.16 -35.15
N ARG B 315 -22.76 -4.57 -36.33
CA ARG B 315 -22.31 -5.19 -37.56
C ARG B 315 -20.89 -4.74 -37.90
N TYR B 316 -20.03 -5.71 -38.20
CA TYR B 316 -18.68 -5.41 -38.62
C TYR B 316 -18.41 -6.15 -39.93
N GLU B 317 -17.28 -5.86 -40.57
CA GLU B 317 -16.91 -6.56 -41.78
C GLU B 317 -16.35 -7.93 -41.40
N ILE B 318 -15.42 -7.92 -40.47
CA ILE B 318 -14.79 -9.14 -40.00
C ILE B 318 -14.63 -9.06 -38.49
N VAL B 319 -15.07 -10.12 -37.80
CA VAL B 319 -14.91 -10.21 -36.36
C VAL B 319 -13.95 -11.34 -36.06
N ILE B 320 -12.82 -10.99 -35.46
CA ILE B 320 -11.85 -12.00 -35.04
C ILE B 320 -12.01 -12.27 -33.56
N ARG B 321 -12.50 -13.47 -33.25
CA ARG B 321 -12.76 -13.85 -31.87
C ARG B 321 -11.55 -14.56 -31.29
N ALA B 322 -11.36 -14.44 -29.99
CA ALA B 322 -10.32 -15.17 -29.30
C ALA B 322 -10.49 -16.67 -29.47
N ARG B 323 -11.73 -17.15 -29.42
CA ARG B 323 -12.01 -18.58 -29.58
C ARG B 323 -11.58 -19.11 -30.95
N ASP B 324 -11.45 -18.23 -31.94
CA ASP B 324 -10.96 -18.61 -33.26
C ASP B 324 -9.47 -18.94 -33.23
N LEU B 325 -8.76 -18.33 -32.29
CA LEU B 325 -7.30 -18.48 -32.22
C LEU B 325 -6.86 -19.48 -31.15
N GLU B 326 -7.77 -19.77 -30.22
CA GLU B 326 -7.44 -20.54 -29.03
C GLU B 326 -8.72 -21.00 -28.35
N ASP B 327 -8.62 -22.01 -27.49
CA ASP B 327 -9.80 -22.51 -26.79
C ASP B 327 -10.10 -21.63 -25.57
N ARG B 328 -10.43 -20.36 -25.83
CA ARG B 328 -10.63 -19.38 -24.77
C ARG B 328 -11.69 -18.37 -25.19
N ALA B 329 -12.36 -17.77 -24.22
CA ALA B 329 -13.38 -16.75 -24.51
C ALA B 329 -12.73 -15.39 -24.75
N TYR B 330 -11.52 -15.21 -24.21
CA TYR B 330 -10.79 -13.96 -24.35
C TYR B 330 -9.29 -14.22 -24.37
N LEU B 331 -8.55 -13.27 -24.93
CA LEU B 331 -7.09 -13.30 -24.84
C LEU B 331 -6.58 -12.02 -24.17
N ARG B 332 -5.48 -12.16 -23.43
CA ARG B 332 -4.83 -11.00 -22.82
C ARG B 332 -4.02 -10.28 -23.90
N PRO B 333 -3.70 -8.99 -23.68
CA PRO B 333 -2.96 -8.20 -24.66
C PRO B 333 -1.70 -8.90 -25.21
N GLU B 334 -0.87 -9.45 -24.33
CA GLU B 334 0.37 -10.09 -24.77
C GLU B 334 0.08 -11.37 -25.58
N GLU B 335 -1.06 -12.00 -25.30
CA GLU B 335 -1.45 -13.20 -26.02
C GLU B 335 -1.91 -12.86 -27.44
N TRP B 336 -2.59 -11.73 -27.57
CA TRP B 336 -2.97 -11.21 -28.88
C TRP B 336 -1.73 -10.89 -29.71
N VAL B 337 -0.70 -10.35 -29.06
CA VAL B 337 0.56 -10.01 -29.71
C VAL B 337 1.20 -11.23 -30.36
N GLU B 338 1.31 -12.31 -29.59
CA GLU B 338 1.95 -13.54 -30.05
C GLU B 338 1.26 -14.15 -31.28
N ARG B 339 0.00 -13.80 -31.50
CA ARG B 339 -0.78 -14.36 -32.58
C ARG B 339 -1.18 -13.31 -33.61
N LEU B 340 -0.39 -12.23 -33.67
CA LEU B 340 -0.76 -11.07 -34.47
C LEU B 340 -0.58 -11.30 -35.98
N ASP B 341 0.39 -12.12 -36.37
CA ASP B 341 0.55 -12.51 -37.76
C ASP B 341 -0.73 -13.15 -38.28
N GLU B 342 -1.26 -14.11 -37.53
CA GLU B 342 -2.51 -14.78 -37.85
C GLU B 342 -3.68 -13.80 -37.92
N VAL B 343 -3.73 -12.88 -36.97
CA VAL B 343 -4.82 -11.92 -36.90
C VAL B 343 -4.85 -11.00 -38.12
N VAL B 344 -3.73 -10.36 -38.43
CA VAL B 344 -3.67 -9.40 -39.52
C VAL B 344 -3.97 -10.07 -40.86
N GLY B 345 -3.60 -11.34 -40.98
CA GLY B 345 -3.91 -12.13 -42.16
C GLY B 345 -5.39 -12.24 -42.44
N GLU B 346 -6.20 -12.17 -41.39
CA GLU B 346 -7.65 -12.32 -41.51
C GLU B 346 -8.38 -10.98 -41.64
N LEU B 347 -7.64 -9.87 -41.55
CA LEU B 347 -8.24 -8.56 -41.58
C LEU B 347 -8.48 -8.05 -43.01
N PRO B 348 -9.44 -7.13 -43.19
CA PRO B 348 -9.81 -6.60 -44.50
C PRO B 348 -8.88 -5.52 -45.03
N TRP B 349 -7.57 -5.72 -44.88
CA TRP B 349 -6.58 -4.81 -45.44
C TRP B 349 -5.44 -5.61 -46.05
N GLY B 350 -4.69 -4.97 -46.93
CA GLY B 350 -3.75 -5.69 -47.77
C GLY B 350 -4.59 -6.51 -48.73
N ARG B 351 -4.27 -7.79 -48.90
CA ARG B 351 -5.08 -8.64 -49.77
C ARG B 351 -5.42 -9.96 -49.09
ZN ZN C . -0.08 -4.98 39.04
ZN ZN D . 7.16 10.92 -31.17
#